data_8T6T
#
_entry.id   8T6T
#
_cell.length_a   1.00
_cell.length_b   1.00
_cell.length_c   1.00
_cell.angle_alpha   90.00
_cell.angle_beta   90.00
_cell.angle_gamma   90.00
#
_symmetry.space_group_name_H-M   'P 1'
#
loop_
_entity.id
_entity.type
_entity.pdbx_description
1 polymer 'CRISPR-associated endonuclease Cas9/Csn1'
2 polymer gRNA
3 polymer TS
4 polymer NTS
#
loop_
_entity_poly.entity_id
_entity_poly.type
_entity_poly.pdbx_seq_one_letter_code
_entity_poly.pdbx_strand_id
1 'polypeptide(L)'
;GDKKYSIGLDIGTNSVGWAVITDEYKVPSKKFKVLGNTDRHSIKKNLIGALLFDSGETAERTRLKRTARRRYTRRKNRIC
YLQEIFSNEMAKVDDSFFHRLEESFLVEEDKKHERHPIFGNIVDEVAYHEKYPTIYHLRKKLVDSTDKADLRLIYLALAH
MIKFRGHFLIEGDLNPDNSDVDKLFIQLVQTYNQLFEENPINASGVDAKAILSARLSKSRRLENLIAQLPGEKKNGLFGN
LIALSLGLTPNFKSNFDLAEDAKLQLSKDTYDDDLDNLLAQIGDQYADLFLAAKNLSDAILLSDILRVNTEITKAPLSAS
MIKRYDEHHQDLTLLKALVRQQLPEKYKEIFFDQSKNGYAGYIDGGASQEEFYKFIKPILEKMDGTEELLVKLNREDLLR
KQRTFDNGSIPHQIHLGELHAILRRQEDFYPFLKDNREKIEKILTFRIPYYVGPLARGNSRFAWMTRKSEETITPWNFEE
VVDKGASAQSFIERMTNFDKNLPNEKVLPKHSLLYEYFTVYNELTKVKYVTEGMRKPAFLSGEQKKAIVDLLFKTNRKVT
VKQLKEDYFKKIECFDSVEISGVEDRFNASLGTYHDLLKIIKDKDFLDNEENEDILEDIVLTLTLFEDREMIEERLKTYA
HLFDDKVMKQLKRRRYTGWGRLSRKLINGIRDKQSGKTILDFLKSDGFANRNFMQLIHDDSLTFKEDIQKAQVSGQGDSL
HEHIANLAGSPAIKKGILQTVKVVDELVKVMGRHKPENIVIEMARENQTTQKGQKNSRERMKRIEEGIKELGSQILKEHP
VENTQLQNEKLYLYYLQNGRDMYVDQELDINRLSDYDVDHIVPQSFLKDDSIDNKVLTRSDKNRGKSDNVPSEEVVKKMK
NYWRQLLNAKLITQRKFDNLTKAERGGLSELDKAGFIKRQLVETRQITKHVAQILDSRMNTKYDENDKLIREVKVITLKS
KLVSDFRKDFQFYKVREINNYHHAHDAYLNAVVGTALIKKYPKLESEFVYGDYKVYDVRKMIAKSEQEIGKATAKYFFYS
NIMNFFKTEITLANGEIRKRPLIETNGETGEIVWDKGRDFATVRKVLSMPQVNIVKKTEVQTGGFSKESIRPKRNSDKLI
ARKKDWDPKKYGGFLWPTVAYSVLVVAKVEKGKSKKLKSVKELLGITIMERSSFEKNPIDFLEAKGYKEVKKDLIIKLPK
YSLFELENGRKRMLASAKQLQKGNELALPSKYVNFLYLASHYEKLKGSPEDNEQKQLFVEQHKHYLDEIIEQISEFSKRV
ILADANLDKVLSAYNKHRDKPIREQAENIIHLFTLTRLGAPRAFKYFDTTIDPKQYRSTKEVLDATLIHQSITGLYETRI
DLSQLGGD
;
A
2 'polyribonucleotide'
;GCAUAAAGAUGAGACGCGUUUUAGAGCUAGAAAUAGCAAGUUAAAAUAAGGCUAGUCCGUUAUCAACUUGAAAAAGUGGC
ACCGAGUCGGUGCUU
;
B
3 'polydeoxyribonucleotide'
;(DT)(DT)(DG)(DT)(DA)(DC)(DT)(DG)(DT)(DA)(DG)(DC)(DG)(DT)(DC)(DT)(DC)(DA)(DT)(DC)
(DT)(DT)(DT)(DA)
;
C
4 'polydeoxyribonucleotide'
;(DA)(DA)(DG)(DA)(DT)(DG)(DA)(DG)(DA)(DC)(DG)(DC)(DT)(DA)(DC)(DA)(DG)(DT)(DA)(DC)
(DA)(DA)
;
D
#
loop_
_chem_comp.id
_chem_comp.type
_chem_comp.name
_chem_comp.formula
A RNA linking ADENOSINE-5'-MONOPHOSPHATE 'C10 H14 N5 O7 P'
C RNA linking CYTIDINE-5'-MONOPHOSPHATE 'C9 H14 N3 O8 P'
DA DNA linking 2'-DEOXYADENOSINE-5'-MONOPHOSPHATE 'C10 H14 N5 O6 P'
DC DNA linking 2'-DEOXYCYTIDINE-5'-MONOPHOSPHATE 'C9 H14 N3 O7 P'
DG DNA linking 2'-DEOXYGUANOSINE-5'-MONOPHOSPHATE 'C10 H14 N5 O7 P'
DT DNA linking THYMIDINE-5'-MONOPHOSPHATE 'C10 H15 N2 O8 P'
G RNA linking GUANOSINE-5'-MONOPHOSPHATE 'C10 H14 N5 O8 P'
U RNA linking URIDINE-5'-MONOPHOSPHATE 'C9 H13 N2 O9 P'
#
# COMPACT_ATOMS: atom_id res chain seq x y z
N LYS A 3 -40.00 -24.53 -10.61
CA LYS A 3 -39.20 -24.37 -11.82
C LYS A 3 -38.24 -23.20 -11.69
N LYS A 4 -38.71 -22.11 -11.09
CA LYS A 4 -37.86 -20.95 -10.86
C LYS A 4 -36.91 -21.22 -9.69
N TYR A 5 -35.93 -20.34 -9.51
CA TYR A 5 -34.94 -20.54 -8.47
C TYR A 5 -34.36 -19.18 -8.08
N SER A 6 -33.38 -19.20 -7.18
CA SER A 6 -32.73 -17.98 -6.72
C SER A 6 -31.31 -18.31 -6.29
N ILE A 7 -30.36 -17.50 -6.70
CA ILE A 7 -28.95 -17.72 -6.41
C ILE A 7 -28.56 -16.87 -5.20
N GLY A 8 -27.98 -17.50 -4.20
CA GLY A 8 -27.44 -16.79 -3.05
C GLY A 8 -25.92 -16.75 -3.10
N LEU A 9 -25.37 -15.61 -2.76
CA LEU A 9 -23.93 -15.39 -2.83
C LEU A 9 -23.40 -14.82 -1.52
N ASP A 10 -22.16 -15.18 -1.21
CA ASP A 10 -21.47 -14.67 -0.02
C ASP A 10 -20.03 -14.43 -0.47
N ILE A 11 -19.73 -13.19 -0.80
CA ILE A 11 -18.43 -12.85 -1.36
C ILE A 11 -17.48 -12.46 -0.25
N GLY A 12 -16.23 -12.93 -0.35
CA GLY A 12 -15.19 -12.56 0.59
C GLY A 12 -13.90 -12.27 -0.14
N THR A 13 -12.87 -11.92 0.63
CA THR A 13 -11.56 -11.68 0.04
C THR A 13 -10.84 -12.97 -0.33
N ASN A 14 -11.26 -14.10 0.24
CA ASN A 14 -10.62 -15.38 -0.03
C ASN A 14 -11.62 -16.45 -0.43
N SER A 15 -12.87 -16.10 -0.67
CA SER A 15 -13.89 -17.11 -0.94
C SER A 15 -15.08 -16.46 -1.60
N VAL A 16 -15.75 -17.24 -2.46
CA VAL A 16 -17.04 -16.89 -3.01
C VAL A 16 -17.96 -18.08 -2.73
N GLY A 17 -18.89 -17.92 -1.79
CA GLY A 17 -19.86 -18.95 -1.49
C GLY A 17 -21.08 -18.76 -2.36
N TRP A 18 -21.53 -19.85 -2.97
CA TRP A 18 -22.66 -19.81 -3.88
C TRP A 18 -23.65 -20.91 -3.55
N ALA A 19 -24.92 -20.62 -3.76
CA ALA A 19 -25.97 -21.61 -3.56
C ALA A 19 -27.11 -21.31 -4.51
N VAL A 20 -27.87 -22.35 -4.82
CA VAL A 20 -29.04 -22.26 -5.68
C VAL A 20 -30.20 -22.90 -4.93
N ILE A 21 -31.22 -22.12 -4.63
CA ILE A 21 -32.39 -22.63 -3.93
C ILE A 21 -33.59 -22.49 -4.83
N THR A 22 -34.56 -23.39 -4.65
CA THR A 22 -35.85 -23.23 -5.27
C THR A 22 -36.78 -22.50 -4.30
N ASP A 23 -37.99 -22.20 -4.77
CA ASP A 23 -38.90 -21.33 -3.99
C ASP A 23 -39.41 -21.97 -2.68
N GLU A 24 -39.07 -23.20 -2.31
CA GLU A 24 -39.37 -23.72 -0.98
C GLU A 24 -38.10 -24.05 -0.21
N TYR A 25 -36.99 -23.39 -0.56
CA TYR A 25 -35.71 -23.33 0.15
C TYR A 25 -34.92 -24.63 0.06
N LYS A 26 -35.37 -25.58 -0.76
CA LYS A 26 -34.61 -26.81 -1.01
C LYS A 26 -33.53 -26.55 -2.05
N VAL A 27 -32.37 -27.16 -1.86
CA VAL A 27 -31.27 -27.10 -2.82
C VAL A 27 -31.38 -28.30 -3.74
N PRO A 28 -31.52 -28.12 -5.05
CA PRO A 28 -31.68 -29.25 -5.96
C PRO A 28 -30.34 -29.91 -6.25
N SER A 29 -30.43 -31.10 -6.85
CA SER A 29 -29.25 -31.88 -7.22
C SER A 29 -29.46 -32.45 -8.61
N LYS A 30 -28.36 -32.60 -9.34
CA LYS A 30 -28.41 -33.05 -10.73
C LYS A 30 -27.30 -34.05 -10.99
N LYS A 31 -27.52 -34.92 -11.97
CA LYS A 31 -26.46 -35.80 -12.46
C LYS A 31 -25.67 -35.04 -13.54
N PHE A 32 -24.40 -34.82 -13.29
CA PHE A 32 -23.56 -34.08 -14.22
C PHE A 32 -22.67 -35.02 -15.02
N LYS A 33 -22.46 -34.68 -16.29
CA LYS A 33 -21.64 -35.48 -17.17
C LYS A 33 -20.16 -35.35 -16.80
N VAL A 34 -19.45 -36.48 -16.79
CA VAL A 34 -18.02 -36.51 -16.52
C VAL A 34 -17.30 -36.79 -17.82
N LEU A 35 -16.40 -35.90 -18.21
CA LEU A 35 -15.56 -36.12 -19.37
C LEU A 35 -14.25 -36.77 -18.95
N GLY A 36 -13.50 -37.26 -19.92
CA GLY A 36 -12.22 -37.89 -19.66
C GLY A 36 -12.25 -39.37 -19.96
N ASN A 37 -11.11 -40.00 -19.69
CA ASN A 37 -10.89 -41.40 -20.03
C ASN A 37 -11.18 -42.36 -18.89
N THR A 38 -11.73 -41.87 -17.77
CA THR A 38 -12.11 -42.75 -16.69
C THR A 38 -13.42 -43.47 -17.05
N ASP A 39 -13.80 -44.43 -16.22
CA ASP A 39 -14.99 -45.23 -16.50
C ASP A 39 -16.27 -44.60 -15.94
N ARG A 40 -16.17 -43.89 -14.82
CA ARG A 40 -17.31 -43.19 -14.25
C ARG A 40 -17.80 -42.11 -15.20
N HIS A 41 -19.09 -42.13 -15.50
CA HIS A 41 -19.64 -41.31 -16.57
C HIS A 41 -20.61 -40.23 -16.08
N SER A 42 -21.13 -40.34 -14.86
CA SER A 42 -22.07 -39.36 -14.36
C SER A 42 -22.00 -39.35 -12.85
N ILE A 43 -22.04 -38.17 -12.26
CA ILE A 43 -21.86 -37.99 -10.84
C ILE A 43 -22.99 -37.10 -10.32
N LYS A 44 -23.59 -37.49 -9.20
CA LYS A 44 -24.62 -36.68 -8.58
C LYS A 44 -23.96 -35.60 -7.74
N LYS A 45 -24.38 -34.35 -7.92
CA LYS A 45 -23.85 -33.25 -7.14
C LYS A 45 -24.96 -32.30 -6.73
N ASN A 46 -24.83 -31.73 -5.53
CA ASN A 46 -25.76 -30.72 -5.04
C ASN A 46 -25.34 -29.34 -5.54
N LEU A 47 -26.34 -28.49 -5.74
CA LEU A 47 -26.09 -27.12 -6.23
C LEU A 47 -25.88 -26.17 -5.06
N ILE A 48 -24.82 -26.45 -4.30
CA ILE A 48 -24.34 -25.57 -3.24
C ILE A 48 -22.83 -25.77 -3.14
N GLY A 49 -22.10 -24.69 -2.92
CA GLY A 49 -20.66 -24.83 -2.87
C GLY A 49 -19.97 -23.51 -2.58
N ALA A 50 -18.64 -23.57 -2.60
CA ALA A 50 -17.81 -22.40 -2.40
C ALA A 50 -16.59 -22.50 -3.30
N LEU A 51 -16.04 -21.34 -3.64
CA LEU A 51 -14.83 -21.25 -4.45
C LEU A 51 -13.77 -20.51 -3.64
N LEU A 52 -12.67 -21.19 -3.35
CA LEU A 52 -11.58 -20.60 -2.57
C LEU A 52 -10.43 -20.22 -3.49
N PHE A 53 -9.76 -19.13 -3.14
CA PHE A 53 -8.62 -18.66 -3.90
C PHE A 53 -7.67 -17.90 -2.98
N ASP A 54 -6.43 -17.78 -3.41
CA ASP A 54 -5.47 -16.94 -2.73
C ASP A 54 -5.88 -15.47 -2.88
N SER A 55 -5.57 -14.68 -1.86
CA SER A 55 -5.93 -13.27 -1.86
C SER A 55 -5.27 -12.54 -3.03
N GLY A 56 -5.98 -11.55 -3.57
CA GLY A 56 -5.41 -10.69 -4.59
C GLY A 56 -4.56 -9.63 -3.93
N GLU A 57 -3.41 -9.35 -4.55
CA GLU A 57 -2.42 -8.48 -3.94
C GLU A 57 -2.41 -7.12 -4.61
N THR A 58 -2.02 -6.11 -3.84
CA THR A 58 -1.88 -4.77 -4.36
C THR A 58 -0.59 -4.65 -5.15
N ALA A 59 -0.57 -3.68 -6.06
CA ALA A 59 0.58 -3.42 -6.93
C ALA A 59 1.71 -2.70 -6.22
N GLU A 60 1.67 -2.56 -4.89
CA GLU A 60 2.64 -1.78 -4.14
C GLU A 60 4.06 -2.33 -4.27
N ARG A 61 4.24 -3.61 -3.90
CA ARG A 61 5.57 -4.23 -3.90
C ARG A 61 6.19 -4.21 -5.30
N THR A 62 5.38 -4.45 -6.32
CA THR A 62 5.86 -4.34 -7.71
C THR A 62 6.34 -2.93 -8.01
N ARG A 63 5.61 -1.92 -7.53
CA ARG A 63 6.02 -0.54 -7.76
C ARG A 63 7.32 -0.22 -7.04
N LEU A 64 7.47 -0.68 -5.80
CA LEU A 64 8.69 -0.43 -5.04
C LEU A 64 9.91 -1.05 -5.72
N LYS A 65 9.76 -2.29 -6.19
CA LYS A 65 10.90 -2.92 -6.84
C LYS A 65 11.17 -2.32 -8.21
N ARG A 66 10.13 -1.79 -8.87
CA ARG A 66 10.33 -1.07 -10.13
C ARG A 66 11.12 0.21 -9.93
N THR A 67 10.78 0.98 -8.90
CA THR A 67 11.55 2.20 -8.60
C THR A 67 12.98 1.86 -8.19
N ALA A 68 13.17 0.76 -7.46
CA ALA A 68 14.52 0.32 -7.13
C ALA A 68 15.32 -0.03 -8.38
N ARG A 69 14.68 -0.70 -9.34
CA ARG A 69 15.31 -1.02 -10.62
C ARG A 69 15.74 0.25 -11.33
N ARG A 70 14.85 1.24 -11.36
CA ARG A 70 15.15 2.50 -12.05
C ARG A 70 16.28 3.25 -11.36
N ARG A 71 16.31 3.20 -10.02
CA ARG A 71 17.39 3.84 -9.28
C ARG A 71 18.74 3.21 -9.58
N TYR A 72 18.80 1.87 -9.64
CA TYR A 72 20.06 1.21 -9.97
C TYR A 72 20.51 1.52 -11.39
N THR A 73 19.56 1.56 -12.33
CA THR A 73 19.89 1.90 -13.71
C THR A 73 20.46 3.31 -13.80
N ARG A 74 19.81 4.26 -13.13
CA ARG A 74 20.26 5.65 -13.20
C ARG A 74 21.59 5.86 -12.48
N ARG A 75 21.84 5.11 -11.40
CA ARG A 75 23.12 5.21 -10.71
C ARG A 75 24.27 4.68 -11.57
N LYS A 76 24.05 3.53 -12.20
CA LYS A 76 25.05 3.01 -13.14
C LYS A 76 25.26 3.97 -14.30
N ASN A 77 24.22 4.68 -14.72
CA ASN A 77 24.41 5.68 -15.77
C ASN A 77 25.24 6.87 -15.28
N ARG A 78 25.06 7.28 -14.01
CA ARG A 78 25.90 8.32 -13.44
C ARG A 78 27.37 7.94 -13.48
N ILE A 79 27.67 6.72 -13.05
CA ILE A 79 29.05 6.24 -13.07
C ILE A 79 29.58 6.16 -14.49
N CYS A 80 28.72 5.77 -15.45
CA CYS A 80 29.14 5.71 -16.84
C CYS A 80 29.42 7.10 -17.41
N TYR A 81 28.63 8.11 -17.03
CA TYR A 81 28.92 9.48 -17.45
C TYR A 81 30.27 9.95 -16.94
N LEU A 82 30.55 9.66 -15.66
CA LEU A 82 31.81 10.09 -15.07
C LEU A 82 33.00 9.40 -15.73
N GLN A 83 32.87 8.10 -16.02
CA GLN A 83 33.94 7.40 -16.73
C GLN A 83 34.11 7.89 -18.15
N GLU A 84 33.01 8.26 -18.82
CA GLU A 84 33.09 8.85 -20.15
C GLU A 84 33.87 10.15 -20.12
N ILE A 85 33.66 10.96 -19.08
CA ILE A 85 34.45 12.17 -18.89
C ILE A 85 35.93 11.82 -18.71
N PHE A 86 36.23 10.84 -17.86
CA PHE A 86 37.62 10.56 -17.52
C PHE A 86 38.39 9.78 -18.58
N SER A 87 37.71 9.13 -19.54
CA SER A 87 38.32 8.09 -20.36
C SER A 87 39.52 8.58 -21.18
N ASN A 88 39.41 9.76 -21.78
CA ASN A 88 40.45 10.24 -22.70
C ASN A 88 41.79 10.44 -21.98
N GLU A 89 41.74 10.92 -20.74
CA GLU A 89 42.98 11.10 -19.99
C GLU A 89 43.38 9.85 -19.24
N MET A 90 42.41 9.00 -18.87
CA MET A 90 42.75 7.72 -18.24
C MET A 90 43.46 6.80 -19.22
N ALA A 91 43.17 6.93 -20.52
CA ALA A 91 43.87 6.16 -21.53
C ALA A 91 45.36 6.49 -21.61
N LYS A 92 45.79 7.63 -21.06
CA LYS A 92 47.20 7.98 -21.01
C LYS A 92 47.89 7.49 -19.76
N VAL A 93 47.14 7.06 -18.74
CA VAL A 93 47.73 6.52 -17.51
C VAL A 93 46.94 5.31 -17.01
N ASP A 94 47.51 4.11 -17.22
CA ASP A 94 46.93 2.84 -16.80
C ASP A 94 45.56 2.63 -17.44
N ASP A 95 45.58 2.48 -18.78
CA ASP A 95 44.36 2.47 -19.58
C ASP A 95 43.40 1.32 -19.25
N SER A 96 43.89 0.25 -18.65
CA SER A 96 43.04 -0.89 -18.29
C SER A 96 42.27 -0.68 -16.99
N PHE A 97 42.37 0.50 -16.37
CA PHE A 97 41.86 0.75 -15.03
C PHE A 97 40.35 0.50 -14.92
N PHE A 98 39.56 1.11 -15.81
CA PHE A 98 38.12 0.94 -15.75
C PHE A 98 37.72 -0.50 -16.04
N HIS A 99 38.48 -1.19 -16.88
CA HIS A 99 38.21 -2.59 -17.15
C HIS A 99 38.46 -3.43 -15.90
N ARG A 100 39.50 -3.13 -15.14
CA ARG A 100 39.73 -3.84 -13.88
C ARG A 100 38.64 -3.57 -12.86
N LEU A 101 38.15 -2.33 -12.80
CA LEU A 101 37.03 -2.03 -11.90
C LEU A 101 35.79 -2.79 -12.32
N GLU A 102 35.53 -2.88 -13.62
CA GLU A 102 34.41 -3.69 -14.11
C GLU A 102 34.61 -5.17 -13.80
N GLU A 103 35.86 -5.65 -13.84
CA GLU A 103 36.15 -7.07 -13.65
C GLU A 103 36.19 -7.49 -12.19
N SER A 104 36.31 -6.53 -11.26
CA SER A 104 36.50 -6.73 -9.83
C SER A 104 35.70 -7.87 -9.18
N PHE A 105 34.44 -8.05 -9.60
CA PHE A 105 33.62 -9.10 -9.01
C PHE A 105 34.11 -10.50 -9.38
N LEU A 106 34.73 -10.66 -10.54
CA LEU A 106 35.12 -11.99 -11.02
C LEU A 106 36.20 -12.59 -10.15
N VAL A 107 36.26 -13.93 -10.13
CA VAL A 107 37.28 -14.67 -9.42
C VAL A 107 38.63 -14.47 -10.09
N GLU A 108 39.70 -14.94 -9.43
CA GLU A 108 41.07 -14.72 -9.90
C GLU A 108 41.29 -15.28 -11.30
N GLU A 109 40.66 -16.41 -11.62
CA GLU A 109 40.88 -17.02 -12.93
C GLU A 109 40.04 -16.39 -14.03
N ASP A 110 38.87 -15.85 -13.69
CA ASP A 110 38.00 -15.26 -14.71
C ASP A 110 38.48 -13.89 -15.17
N LYS A 111 39.37 -13.25 -14.43
CA LYS A 111 39.86 -11.93 -14.82
C LYS A 111 40.74 -12.02 -16.05
N LYS A 112 40.76 -10.93 -16.82
CA LYS A 112 41.64 -10.80 -17.98
C LYS A 112 42.76 -9.80 -17.74
N HIS A 113 42.88 -9.29 -16.52
CA HIS A 113 43.96 -8.39 -16.14
C HIS A 113 44.50 -8.83 -14.78
N GLU A 114 45.42 -8.04 -14.24
CA GLU A 114 45.94 -8.30 -12.90
C GLU A 114 44.81 -8.19 -11.87
N ARG A 115 44.87 -9.03 -10.85
CA ARG A 115 43.76 -9.14 -9.90
C ARG A 115 43.63 -7.93 -8.98
N HIS A 116 44.60 -7.03 -8.97
CA HIS A 116 44.53 -5.86 -8.10
C HIS A 116 43.90 -4.73 -8.88
N PRO A 117 42.71 -4.26 -8.51
CA PRO A 117 41.96 -3.34 -9.38
C PRO A 117 42.57 -1.96 -9.55
N ILE A 118 42.99 -1.34 -8.45
CA ILE A 118 43.27 0.09 -8.46
C ILE A 118 44.60 0.38 -9.15
N PHE A 119 45.69 -0.17 -8.61
CA PHE A 119 47.02 0.12 -9.15
C PHE A 119 47.59 -0.99 -10.02
N GLY A 120 47.01 -2.18 -10.00
CA GLY A 120 47.41 -3.22 -10.93
C GLY A 120 48.67 -4.00 -10.57
N ASN A 121 49.11 -3.94 -9.31
CA ASN A 121 50.16 -4.81 -8.78
C ASN A 121 50.09 -4.79 -7.26
N ILE A 122 50.78 -5.76 -6.65
CA ILE A 122 50.60 -6.02 -5.22
C ILE A 122 51.20 -4.90 -4.36
N VAL A 123 52.39 -4.40 -4.74
CA VAL A 123 53.12 -3.51 -3.83
C VAL A 123 52.45 -2.13 -3.75
N ASP A 124 52.03 -1.58 -4.88
CA ASP A 124 51.36 -0.28 -4.85
C ASP A 124 49.98 -0.39 -4.23
N GLU A 125 49.29 -1.51 -4.44
CA GLU A 125 47.98 -1.71 -3.85
C GLU A 125 48.06 -1.79 -2.33
N VAL A 126 49.02 -2.55 -1.81
CA VAL A 126 49.14 -2.66 -0.36
C VAL A 126 49.66 -1.35 0.23
N ALA A 127 50.50 -0.62 -0.50
CA ALA A 127 50.94 0.70 -0.04
C ALA A 127 49.78 1.68 0.02
N TYR A 128 48.90 1.63 -0.98
CA TYR A 128 47.70 2.46 -0.98
C TYR A 128 46.79 2.13 0.19
N HIS A 129 46.55 0.85 0.44
CA HIS A 129 45.66 0.47 1.53
C HIS A 129 46.28 0.73 2.90
N GLU A 130 47.61 0.76 3.00
CA GLU A 130 48.23 1.21 4.23
C GLU A 130 48.18 2.72 4.37
N LYS A 131 48.21 3.45 3.26
CA LYS A 131 48.20 4.90 3.31
C LYS A 131 46.81 5.44 3.64
N TYR A 132 45.79 4.98 2.93
CA TYR A 132 44.39 5.38 3.16
C TYR A 132 43.61 4.13 3.55
N PRO A 133 43.47 3.86 4.85
CA PRO A 133 42.71 2.68 5.29
C PRO A 133 41.26 2.67 4.85
N THR A 134 40.62 3.82 4.75
CA THR A 134 39.26 3.93 4.24
C THR A 134 39.27 4.81 3.00
N ILE A 135 38.10 4.92 2.37
CA ILE A 135 37.97 5.87 1.26
C ILE A 135 37.96 7.30 1.81
N TYR A 136 37.50 7.47 3.04
CA TYR A 136 37.34 8.80 3.60
C TYR A 136 38.68 9.47 3.90
N HIS A 137 39.70 8.68 4.23
CA HIS A 137 41.05 9.23 4.31
C HIS A 137 41.49 9.81 2.98
N LEU A 138 41.21 9.10 1.88
CA LEU A 138 41.55 9.60 0.56
C LEU A 138 40.76 10.85 0.22
N ARG A 139 39.48 10.88 0.57
CA ARG A 139 38.67 12.07 0.31
C ARG A 139 39.17 13.28 1.07
N LYS A 140 39.52 13.11 2.35
CA LYS A 140 40.03 14.24 3.12
C LYS A 140 41.38 14.69 2.60
N LYS A 141 42.24 13.74 2.19
CA LYS A 141 43.53 14.10 1.63
C LYS A 141 43.36 14.89 0.34
N LEU A 142 42.44 14.46 -0.53
CA LEU A 142 42.24 15.16 -1.78
C LEU A 142 41.59 16.52 -1.59
N VAL A 143 40.75 16.67 -0.57
CA VAL A 143 40.17 17.98 -0.28
C VAL A 143 41.23 18.93 0.28
N ASP A 144 42.06 18.44 1.20
CA ASP A 144 42.94 19.30 1.98
C ASP A 144 44.33 19.48 1.37
N SER A 145 44.96 18.41 0.90
CA SER A 145 46.31 18.54 0.39
C SER A 145 46.32 19.25 -0.96
N THR A 146 47.46 19.87 -1.26
CA THR A 146 47.64 20.68 -2.45
C THR A 146 48.66 20.07 -3.42
N ASP A 147 48.82 18.75 -3.35
CA ASP A 147 49.74 18.04 -4.23
C ASP A 147 49.00 17.53 -5.46
N LYS A 148 49.73 17.36 -6.55
CA LYS A 148 49.15 16.75 -7.74
C LYS A 148 48.97 15.27 -7.50
N ALA A 149 47.71 14.83 -7.48
CA ALA A 149 47.38 13.46 -7.13
C ALA A 149 47.33 12.59 -8.37
N ASP A 150 47.44 11.28 -8.14
CA ASP A 150 47.25 10.32 -9.22
C ASP A 150 45.79 10.38 -9.66
N LEU A 151 45.58 10.36 -10.98
CA LEU A 151 44.24 10.55 -11.54
C LEU A 151 43.28 9.45 -11.13
N ARG A 152 43.81 8.24 -10.89
CA ARG A 152 42.98 7.13 -10.46
C ARG A 152 42.36 7.40 -9.09
N LEU A 153 43.13 7.98 -8.17
CA LEU A 153 42.60 8.29 -6.84
C LEU A 153 41.53 9.36 -6.92
N ILE A 154 41.72 10.34 -7.82
CA ILE A 154 40.70 11.34 -8.07
C ILE A 154 39.42 10.69 -8.55
N TYR A 155 39.54 9.73 -9.47
CA TYR A 155 38.35 9.03 -9.94
C TYR A 155 37.69 8.24 -8.82
N LEU A 156 38.48 7.55 -7.98
CA LEU A 156 37.89 6.80 -6.86
C LEU A 156 37.11 7.71 -5.93
N ALA A 157 37.67 8.87 -5.59
CA ALA A 157 36.97 9.78 -4.67
C ALA A 157 35.71 10.34 -5.31
N LEU A 158 35.82 10.83 -6.55
CA LEU A 158 34.68 11.43 -7.24
C LEU A 158 33.58 10.41 -7.48
N ALA A 159 33.95 9.19 -7.87
CA ALA A 159 32.98 8.14 -8.10
C ALA A 159 32.33 7.70 -6.79
N HIS A 160 33.07 7.71 -5.70
CA HIS A 160 32.47 7.35 -4.43
C HIS A 160 31.49 8.41 -3.95
N MET A 161 31.77 9.68 -4.23
CA MET A 161 30.77 10.71 -3.90
C MET A 161 29.58 10.69 -4.83
N ILE A 162 29.79 10.39 -6.11
CA ILE A 162 28.69 10.44 -7.07
C ILE A 162 27.79 9.21 -6.93
N LYS A 163 28.37 8.05 -6.63
CA LYS A 163 27.59 6.82 -6.48
C LYS A 163 26.72 6.88 -5.22
N PHE A 164 27.32 7.16 -4.08
CA PHE A 164 26.60 7.34 -2.83
C PHE A 164 26.61 8.83 -2.51
N ARG A 165 25.47 9.49 -2.63
CA ARG A 165 25.44 10.93 -2.79
C ARG A 165 24.49 11.67 -1.85
N GLY A 166 23.90 11.01 -0.86
CA GLY A 166 23.11 11.71 0.13
C GLY A 166 21.75 12.20 -0.33
N HIS A 167 20.92 12.64 0.61
CA HIS A 167 19.54 12.99 0.33
C HIS A 167 19.40 14.43 -0.15
N PHE A 168 18.20 14.74 -0.66
CA PHE A 168 17.90 16.04 -1.25
C PHE A 168 16.79 16.78 -0.51
N LEU A 169 16.60 16.49 0.78
CA LEU A 169 15.51 17.13 1.52
C LEU A 169 15.79 18.60 1.79
N ILE A 170 17.04 18.96 2.04
CA ILE A 170 17.42 20.34 2.28
C ILE A 170 17.69 20.98 0.92
N GLU A 171 16.78 21.84 0.47
CA GLU A 171 16.85 22.40 -0.88
C GLU A 171 17.62 23.71 -0.94
N GLY A 172 17.93 24.32 0.20
CA GLY A 172 18.77 25.50 0.19
C GLY A 172 20.20 25.18 -0.18
N ASP A 173 20.92 26.20 -0.65
CA ASP A 173 22.32 26.05 -1.06
C ASP A 173 23.24 26.14 0.17
N LEU A 174 23.05 25.18 1.08
CA LEU A 174 23.82 25.10 2.31
C LEU A 174 25.30 24.85 2.03
N ASN A 175 26.17 25.60 2.70
CA ASN A 175 27.59 25.28 2.76
C ASN A 175 28.01 25.11 4.21
N PRO A 176 28.66 24.00 4.55
CA PRO A 176 28.95 23.73 5.98
C PRO A 176 30.11 24.53 6.54
N ASP A 177 31.05 24.98 5.69
CA ASP A 177 32.29 25.56 6.21
C ASP A 177 32.06 26.91 6.89
N ASN A 178 31.03 27.65 6.49
CA ASN A 178 30.66 28.86 7.22
C ASN A 178 29.93 28.57 8.52
N SER A 179 29.60 27.29 8.77
CA SER A 179 28.81 26.90 9.93
C SER A 179 29.46 25.75 10.69
N ASP A 180 30.78 25.61 10.58
CA ASP A 180 31.49 24.49 11.21
C ASP A 180 31.45 24.60 12.74
N VAL A 181 31.49 25.82 13.28
CA VAL A 181 31.59 26.04 14.71
C VAL A 181 30.26 25.76 15.38
N ASP A 182 30.33 25.31 16.64
CA ASP A 182 29.15 25.10 17.46
C ASP A 182 28.64 26.38 18.11
N LYS A 183 29.35 27.49 17.98
CA LYS A 183 28.98 28.75 18.62
C LYS A 183 28.86 29.88 17.60
N LEU A 184 27.72 30.57 17.63
CA LEU A 184 27.39 31.67 16.73
C LEU A 184 26.79 32.85 17.45
N PHE A 185 26.70 32.78 18.79
CA PHE A 185 26.02 33.77 19.61
C PHE A 185 26.61 35.16 19.42
N ILE A 186 27.94 35.27 19.39
CA ILE A 186 28.57 36.57 19.29
C ILE A 186 28.35 37.20 17.91
N GLN A 187 28.35 36.39 16.84
CA GLN A 187 28.07 36.93 15.51
C GLN A 187 26.63 37.41 15.40
N LEU A 188 25.69 36.61 15.93
CA LEU A 188 24.28 36.97 15.89
C LEU A 188 24.01 38.24 16.69
N VAL A 189 24.59 38.35 17.88
CA VAL A 189 24.38 39.52 18.74
C VAL A 189 25.04 40.77 18.15
N GLN A 190 26.22 40.63 17.53
CA GLN A 190 26.84 41.76 16.82
C GLN A 190 25.95 42.27 15.70
N THR A 191 25.46 41.35 14.86
CA THR A 191 24.56 41.73 13.77
C THR A 191 23.25 42.32 14.30
N TYR A 192 22.84 41.88 15.50
CA TYR A 192 21.65 42.43 16.14
C TYR A 192 21.86 43.90 16.53
N ASN A 193 22.96 44.18 17.24
CA ASN A 193 23.10 45.52 17.83
C ASN A 193 23.64 46.54 16.83
N GLN A 194 24.26 46.10 15.74
CA GLN A 194 24.50 47.05 14.66
C GLN A 194 23.23 47.41 13.90
N LEU A 195 22.14 46.64 14.09
CA LEU A 195 20.83 47.04 13.58
C LEU A 195 19.99 47.74 14.63
N PHE A 196 20.01 47.26 15.88
CA PHE A 196 19.29 47.84 17.00
C PHE A 196 20.32 48.45 17.94
N GLU A 197 20.52 49.77 17.83
CA GLU A 197 21.67 50.44 18.45
C GLU A 197 21.51 50.49 19.97
N GLU A 198 21.89 49.40 20.60
CA GLU A 198 21.96 49.28 22.06
C GLU A 198 23.36 48.98 22.56
N ASN A 199 24.04 48.01 21.94
CA ASN A 199 25.34 47.46 22.31
C ASN A 199 25.52 47.21 23.80
N PRO A 200 24.65 46.42 24.44
CA PRO A 200 24.76 46.26 25.90
C PRO A 200 25.90 45.32 26.27
N ILE A 201 26.21 45.30 27.57
CA ILE A 201 27.22 44.39 28.09
C ILE A 201 26.74 42.95 27.92
N ASN A 202 27.62 42.11 27.37
CA ASN A 202 27.24 40.75 26.98
C ASN A 202 28.37 39.79 27.32
N ALA A 203 28.01 38.52 27.50
CA ALA A 203 28.95 37.46 27.82
C ALA A 203 28.67 36.27 26.91
N SER A 204 29.73 35.69 26.35
CA SER A 204 29.61 34.64 25.34
C SER A 204 29.18 33.31 25.95
N GLY A 205 28.69 32.43 25.07
CA GLY A 205 28.33 31.07 25.41
C GLY A 205 28.00 30.25 24.17
N VAL A 206 28.27 28.94 24.22
CA VAL A 206 27.95 28.07 23.09
C VAL A 206 26.43 27.92 23.00
N ASP A 207 25.90 27.93 21.77
CA ASP A 207 24.47 28.10 21.56
C ASP A 207 23.80 27.08 20.63
N ALA A 208 24.54 26.28 19.88
CA ALA A 208 23.90 25.34 18.95
C ALA A 208 23.49 24.04 19.65
N LYS A 209 24.44 23.42 20.37
CA LYS A 209 24.17 22.15 21.07
C LYS A 209 23.15 22.31 22.18
N ALA A 210 23.01 23.52 22.74
CA ALA A 210 22.18 23.74 23.92
C ALA A 210 20.70 23.44 23.66
N ILE A 211 20.23 23.69 22.43
CA ILE A 211 18.91 23.19 22.02
C ILE A 211 18.92 21.75 21.50
N LEU A 212 20.06 21.25 21.04
CA LEU A 212 20.13 19.86 20.64
C LEU A 212 19.99 18.89 21.80
N SER A 213 20.06 19.37 23.05
CA SER A 213 19.85 18.54 24.23
C SER A 213 18.41 18.05 24.37
N ALA A 214 17.44 18.67 23.68
CA ALA A 214 16.05 18.30 23.88
C ALA A 214 15.27 18.53 22.59
N ARG A 215 13.98 18.19 22.63
CA ARG A 215 13.02 18.53 21.59
C ARG A 215 12.95 20.05 21.46
N LEU A 216 13.35 20.57 20.30
CA LEU A 216 13.54 22.01 20.12
C LEU A 216 12.23 22.78 20.29
N SER A 217 12.20 23.62 21.33
CA SER A 217 11.00 24.34 21.72
C SER A 217 11.42 25.50 22.61
N LYS A 218 10.45 26.39 22.89
CA LYS A 218 10.72 27.60 23.65
C LYS A 218 10.94 27.34 25.13
N SER A 219 10.46 26.20 25.64
CA SER A 219 10.55 25.86 27.07
C SER A 219 12.00 25.81 27.55
N ARG A 220 12.92 25.44 26.66
CA ARG A 220 14.34 25.60 26.93
C ARG A 220 14.81 27.00 26.54
N ARG A 221 14.35 27.48 25.38
CA ARG A 221 15.01 28.57 24.69
C ARG A 221 14.79 29.94 25.31
N LEU A 222 13.57 30.27 25.74
CA LEU A 222 13.36 31.61 26.29
C LEU A 222 14.23 31.84 27.52
N GLU A 223 14.28 30.85 28.41
CA GLU A 223 15.13 30.91 29.59
C GLU A 223 16.61 30.95 29.21
N ASN A 224 17.03 30.05 28.31
CA ASN A 224 18.46 30.01 27.96
C ASN A 224 18.92 31.23 27.19
N LEU A 225 18.06 31.83 26.36
CA LEU A 225 18.46 33.00 25.59
C LEU A 225 18.49 34.24 26.47
N ILE A 226 17.59 34.32 27.46
CA ILE A 226 17.73 35.37 28.47
C ILE A 226 19.01 35.16 29.27
N ALA A 227 19.40 33.90 29.52
CA ALA A 227 20.68 33.64 30.19
C ALA A 227 21.87 33.99 29.29
N GLN A 228 21.69 33.92 27.97
CA GLN A 228 22.79 34.22 27.06
C GLN A 228 23.02 35.72 26.94
N LEU A 229 21.99 36.46 26.49
CA LEU A 229 22.05 37.90 26.36
C LEU A 229 21.20 38.54 27.45
N PRO A 230 21.75 39.46 28.24
CA PRO A 230 20.94 40.18 29.24
C PRO A 230 19.74 40.87 28.60
N GLY A 231 18.57 40.63 29.18
CA GLY A 231 17.32 40.85 28.46
C GLY A 231 16.84 42.28 28.51
N GLU A 232 16.43 42.77 27.34
CA GLU A 232 15.56 43.92 27.23
C GLU A 232 14.23 43.55 26.57
N LYS A 233 14.17 42.39 25.92
CA LYS A 233 12.95 41.83 25.34
C LYS A 233 12.90 40.36 25.74
N LYS A 234 11.86 39.65 25.30
CA LYS A 234 11.76 38.21 25.55
C LYS A 234 11.53 37.37 24.31
N ASN A 235 11.03 37.94 23.21
CA ASN A 235 10.75 37.18 22.00
C ASN A 235 11.46 37.78 20.80
N GLY A 236 12.14 38.91 20.97
CA GLY A 236 12.82 39.55 19.87
C GLY A 236 14.21 40.03 20.21
N LEU A 237 14.86 39.39 21.19
CA LEU A 237 16.22 39.74 21.57
C LEU A 237 17.23 39.48 20.45
N PHE A 238 16.88 38.63 19.48
CA PHE A 238 17.81 38.15 18.45
C PHE A 238 19.03 37.49 19.09
N GLY A 239 18.76 36.75 20.16
CA GLY A 239 19.77 36.16 21.03
C GLY A 239 19.69 34.65 21.02
N ASN A 240 19.60 34.08 19.82
CA ASN A 240 19.37 32.65 19.53
C ASN A 240 17.93 32.25 19.82
N LEU A 241 16.98 33.10 19.43
CA LEU A 241 15.57 32.73 19.53
C LEU A 241 15.21 31.73 18.44
N ILE A 242 14.31 30.81 18.77
CA ILE A 242 14.10 29.60 17.97
C ILE A 242 13.52 29.92 16.59
N ALA A 243 12.74 31.01 16.46
CA ALA A 243 12.16 31.35 15.17
C ALA A 243 13.23 31.77 14.16
N LEU A 244 14.40 32.18 14.61
CA LEU A 244 15.54 32.37 13.71
C LEU A 244 16.11 31.05 13.24
N SER A 245 16.17 30.05 14.13
CA SER A 245 16.67 28.74 13.74
C SER A 245 15.68 28.02 12.83
N LEU A 246 14.43 27.89 13.28
CA LEU A 246 13.37 27.31 12.46
C LEU A 246 12.08 28.08 12.72
N GLY A 247 11.36 28.42 11.65
CA GLY A 247 10.10 29.12 11.79
C GLY A 247 9.05 28.29 12.50
N LEU A 248 8.05 28.99 13.03
CA LEU A 248 6.96 28.32 13.73
C LEU A 248 6.04 27.63 12.71
N THR A 249 5.58 26.42 13.07
CA THR A 249 4.74 25.66 12.14
C THR A 249 3.39 26.32 11.87
N PRO A 250 2.64 26.85 12.84
CA PRO A 250 1.60 27.82 12.48
C PRO A 250 2.20 29.18 12.18
N ASN A 251 1.69 29.82 11.13
CA ASN A 251 2.19 31.14 10.73
C ASN A 251 1.85 32.18 11.78
N PHE A 252 2.85 32.96 12.19
CA PHE A 252 2.68 34.00 13.20
C PHE A 252 3.53 35.20 12.83
N LYS A 253 3.01 36.40 13.12
CA LYS A 253 3.62 37.66 12.73
C LYS A 253 4.98 37.86 13.41
N SER A 254 5.77 38.78 12.85
CA SER A 254 7.17 38.94 13.24
C SER A 254 7.30 39.52 14.64
N ASN A 255 8.15 38.90 15.45
CA ASN A 255 8.43 39.35 16.81
C ASN A 255 9.62 40.30 16.82
N PHE A 256 9.35 41.57 17.18
CA PHE A 256 10.30 42.67 17.05
C PHE A 256 10.86 42.73 15.63
N ASP A 257 9.98 43.09 14.70
CA ASP A 257 10.25 42.97 13.27
C ASP A 257 11.42 43.85 12.85
N LEU A 258 12.05 43.46 11.75
CA LEU A 258 13.22 44.17 11.26
C LEU A 258 12.82 45.37 10.42
N ALA A 259 12.01 45.14 9.38
CA ALA A 259 11.50 46.26 8.59
C ALA A 259 10.01 46.21 8.30
N GLU A 260 9.37 45.04 8.25
CA GLU A 260 7.95 44.93 7.92
C GLU A 260 7.33 43.78 8.70
N ASP A 261 6.00 43.83 8.82
CA ASP A 261 5.25 42.73 9.41
C ASP A 261 5.09 41.60 8.39
N ALA A 262 5.50 40.40 8.78
CA ALA A 262 5.30 39.21 7.96
C ALA A 262 5.16 38.01 8.88
N LYS A 263 4.33 37.05 8.46
CA LYS A 263 4.07 35.85 9.25
C LYS A 263 5.14 34.80 8.96
N LEU A 264 6.05 34.62 9.91
CA LEU A 264 7.12 33.63 9.76
C LEU A 264 6.57 32.21 9.81
N GLN A 265 7.24 31.32 9.08
CA GLN A 265 6.83 29.92 9.01
C GLN A 265 8.06 29.04 8.87
N LEU A 266 7.91 27.77 9.26
CA LEU A 266 8.96 26.79 9.03
C LEU A 266 9.03 26.49 7.54
N SER A 267 10.18 26.77 6.93
CA SER A 267 10.29 26.61 5.49
C SER A 267 11.73 26.29 5.12
N LYS A 268 11.90 25.62 4.00
CA LYS A 268 13.16 25.57 3.28
C LYS A 268 12.97 25.91 1.81
N ASP A 269 11.83 26.53 1.48
CA ASP A 269 11.45 26.83 0.11
C ASP A 269 11.17 28.31 -0.14
N THR A 270 11.01 29.12 0.92
CA THR A 270 10.50 30.48 0.77
C THR A 270 11.34 31.56 1.43
N TYR A 271 12.34 31.23 2.25
CA TYR A 271 13.16 32.29 2.87
C TYR A 271 13.98 33.07 1.84
N ASP A 272 14.25 32.50 0.67
CA ASP A 272 14.86 33.28 -0.40
C ASP A 272 13.85 34.18 -1.12
N ASP A 273 12.57 34.10 -0.78
CA ASP A 273 11.60 34.99 -1.41
C ASP A 273 10.84 35.86 -0.40
N ASP A 274 10.31 35.26 0.67
CA ASP A 274 9.35 35.98 1.51
C ASP A 274 10.00 37.02 2.42
N LEU A 275 11.33 37.05 2.49
CA LEU A 275 12.07 38.10 3.20
C LEU A 275 12.25 39.36 2.36
N ASP A 276 11.33 39.63 1.43
CA ASP A 276 11.36 40.84 0.61
C ASP A 276 11.14 42.13 1.40
N ASN A 277 10.92 42.04 2.71
CA ASN A 277 11.07 43.20 3.58
C ASN A 277 12.46 43.80 3.47
N LEU A 278 13.47 42.96 3.22
CA LEU A 278 14.82 43.39 2.90
C LEU A 278 15.24 43.07 1.47
N LEU A 279 15.09 41.81 1.04
CA LEU A 279 15.78 41.34 -0.16
C LEU A 279 15.25 41.96 -1.45
N ALA A 280 14.11 42.65 -1.43
CA ALA A 280 13.66 43.45 -2.55
C ALA A 280 13.81 44.94 -2.29
N GLN A 281 14.35 45.33 -1.13
CA GLN A 281 14.43 46.73 -0.72
C GLN A 281 15.81 47.16 -0.22
N ILE A 282 16.67 46.24 0.20
CA ILE A 282 17.97 46.59 0.77
C ILE A 282 18.91 47.06 -0.33
N ASP A 288 22.27 41.98 8.24
CA ASP A 288 21.01 41.25 8.11
C ASP A 288 20.96 40.18 9.20
N LEU A 289 19.91 40.24 10.02
CA LEU A 289 19.72 39.25 11.08
C LEU A 289 19.50 37.85 10.50
N PHE A 290 18.80 37.76 9.37
CA PHE A 290 18.42 36.47 8.84
C PHE A 290 19.60 35.71 8.23
N LEU A 291 20.70 36.39 7.92
CA LEU A 291 21.91 35.70 7.49
C LEU A 291 22.49 34.87 8.63
N ALA A 292 22.66 35.48 9.80
CA ALA A 292 23.09 34.74 10.98
C ALA A 292 22.03 33.73 11.41
N ALA A 293 20.75 34.05 11.17
CA ALA A 293 19.68 33.10 11.47
C ALA A 293 19.81 31.83 10.65
N LYS A 294 20.02 31.94 9.34
CA LYS A 294 20.18 30.75 8.51
C LYS A 294 21.52 30.06 8.78
N ASN A 295 22.53 30.81 9.23
CA ASN A 295 23.75 30.16 9.69
C ASN A 295 23.48 29.29 10.91
N LEU A 296 22.68 29.79 11.86
CA LEU A 296 22.22 28.97 12.99
C LEU A 296 21.39 27.79 12.50
N SER A 297 20.53 28.03 11.50
CA SER A 297 19.63 27.01 10.97
C SER A 297 20.41 25.84 10.38
N ASP A 298 21.46 26.13 9.59
CA ASP A 298 22.37 25.08 9.16
C ASP A 298 23.09 24.45 10.36
N ALA A 299 23.49 25.28 11.33
CA ALA A 299 24.36 24.83 12.41
C ALA A 299 23.72 23.76 13.27
N ILE A 300 22.40 23.87 13.53
CA ILE A 300 21.77 22.93 14.45
C ILE A 300 21.79 21.49 13.89
N LEU A 301 21.32 21.29 12.65
CA LEU A 301 21.34 19.92 12.15
C LEU A 301 22.74 19.51 11.74
N LEU A 302 23.59 20.47 11.36
CA LEU A 302 24.94 20.12 10.96
C LEU A 302 25.75 19.59 12.14
N SER A 303 25.58 20.22 13.32
CA SER A 303 26.17 19.67 14.53
C SER A 303 25.48 18.39 14.97
N ASP A 304 24.18 18.25 14.65
CA ASP A 304 23.51 16.98 14.93
C ASP A 304 24.07 15.84 14.09
N ILE A 305 24.50 16.11 12.87
CA ILE A 305 24.94 15.07 11.95
C ILE A 305 26.44 15.05 11.70
N LEU A 306 27.18 16.11 12.04
CA LEU A 306 28.64 16.03 12.09
C LEU A 306 29.13 16.18 13.52
N ARG A 307 30.08 15.34 13.90
CA ARG A 307 30.81 15.51 15.13
C ARG A 307 31.62 16.82 15.14
N VAL A 308 32.13 17.14 16.33
CA VAL A 308 32.83 18.40 16.52
C VAL A 308 34.15 18.40 15.76
N ASN A 309 34.41 19.47 15.03
CA ASN A 309 35.68 19.68 14.35
C ASN A 309 36.45 20.78 15.05
N THR A 310 37.62 20.45 15.57
CA THR A 310 38.53 21.42 16.16
C THR A 310 39.60 21.90 15.19
N GLU A 311 39.94 21.09 14.19
CA GLU A 311 40.74 21.54 13.07
C GLU A 311 39.84 22.05 11.96
N ILE A 312 40.24 23.17 11.35
CA ILE A 312 39.46 23.79 10.29
C ILE A 312 39.85 23.11 8.99
N THR A 313 39.01 22.17 8.55
CA THR A 313 39.21 21.48 7.28
C THR A 313 37.99 21.67 6.40
N LYS A 314 38.21 21.66 5.09
CA LYS A 314 37.13 21.84 4.13
C LYS A 314 36.31 20.56 3.92
N ALA A 315 36.66 19.45 4.56
CA ALA A 315 35.95 18.19 4.40
C ALA A 315 35.53 17.67 5.77
N PRO A 316 34.44 18.20 6.33
CA PRO A 316 34.04 17.78 7.68
C PRO A 316 33.51 16.37 7.76
N LEU A 317 32.84 15.86 6.73
CA LEU A 317 32.29 14.51 6.78
C LEU A 317 33.39 13.46 6.75
N SER A 318 34.38 13.65 5.87
CA SER A 318 35.53 12.76 5.83
C SER A 318 36.30 12.81 7.14
N ALA A 319 36.42 13.99 7.75
CA ALA A 319 37.11 14.10 9.02
C ALA A 319 36.35 13.40 10.13
N SER A 320 35.02 13.49 10.12
CA SER A 320 34.21 12.75 11.08
C SER A 320 34.37 11.24 10.91
N MET A 321 34.41 10.77 9.67
CA MET A 321 34.58 9.33 9.44
C MET A 321 35.97 8.85 9.85
N ILE A 322 37.00 9.68 9.62
CA ILE A 322 38.34 9.36 10.10
C ILE A 322 38.36 9.29 11.62
N LYS A 323 37.65 10.20 12.28
CA LYS A 323 37.57 10.15 13.74
C LYS A 323 36.88 8.88 14.21
N ARG A 324 35.80 8.48 13.52
CA ARG A 324 35.13 7.21 13.81
C ARG A 324 36.11 6.04 13.68
N TYR A 325 36.90 6.03 12.61
CA TYR A 325 37.84 4.94 12.37
C TYR A 325 38.91 4.89 13.45
N ASP A 326 39.45 6.05 13.82
CA ASP A 326 40.51 6.11 14.82
C ASP A 326 40.01 5.66 16.19
N GLU A 327 38.82 6.11 16.60
CA GLU A 327 38.28 5.67 17.88
C GLU A 327 37.94 4.19 17.85
N HIS A 328 37.50 3.67 16.69
CA HIS A 328 37.30 2.24 16.54
C HIS A 328 38.59 1.47 16.79
N HIS A 329 39.69 1.95 16.20
CA HIS A 329 40.97 1.26 16.35
C HIS A 329 41.45 1.29 17.80
N GLN A 330 41.34 2.46 18.45
CA GLN A 330 41.78 2.58 19.84
C GLN A 330 40.97 1.68 20.77
N ASP A 331 39.64 1.69 20.63
CA ASP A 331 38.81 0.86 21.50
C ASP A 331 38.96 -0.62 21.18
N LEU A 332 39.26 -0.97 19.93
CA LEU A 332 39.56 -2.36 19.60
C LEU A 332 40.80 -2.83 20.32
N THR A 333 41.87 -2.04 20.26
CA THR A 333 43.11 -2.40 20.98
C THR A 333 42.86 -2.51 22.49
N LEU A 334 42.13 -1.55 23.05
CA LEU A 334 41.83 -1.54 24.48
C LEU A 334 41.03 -2.77 24.88
N LEU A 335 39.96 -3.07 24.14
CA LEU A 335 39.11 -4.20 24.48
C LEU A 335 39.85 -5.53 24.31
N LYS A 336 40.70 -5.63 23.29
CA LYS A 336 41.51 -6.84 23.13
C LYS A 336 42.41 -7.06 24.33
N ALA A 337 43.14 -6.02 24.75
CA ALA A 337 44.02 -6.15 25.91
C ALA A 337 43.24 -6.50 27.18
N LEU A 338 42.08 -5.87 27.38
CA LEU A 338 41.30 -6.11 28.59
C LEU A 338 40.75 -7.53 28.64
N VAL A 339 40.21 -8.03 27.52
CA VAL A 339 39.69 -9.40 27.55
C VAL A 339 40.82 -10.42 27.57
N ARG A 340 42.01 -10.06 27.11
CA ARG A 340 43.16 -10.91 27.36
C ARG A 340 43.44 -11.02 28.86
N GLN A 341 43.56 -9.88 29.53
CA GLN A 341 44.14 -9.94 30.87
C GLN A 341 43.07 -10.25 31.93
N GLN A 342 41.76 -10.23 31.56
CA GLN A 342 40.76 -10.55 32.57
C GLN A 342 39.94 -11.79 32.25
N LEU A 343 39.52 -11.97 31.00
CA LEU A 343 38.68 -13.12 30.63
C LEU A 343 39.30 -13.88 29.47
N PRO A 344 40.45 -14.54 29.66
CA PRO A 344 41.19 -15.11 28.52
C PRO A 344 40.48 -16.26 27.83
N GLU A 345 39.45 -16.85 28.43
CA GLU A 345 38.69 -17.90 27.77
C GLU A 345 37.59 -17.36 26.87
N LYS A 346 37.21 -16.09 27.03
CA LYS A 346 36.21 -15.47 26.18
C LYS A 346 36.80 -14.80 24.95
N TYR A 347 38.12 -14.69 24.88
CA TYR A 347 38.78 -14.04 23.74
C TYR A 347 38.48 -14.78 22.45
N LYS A 348 38.57 -16.11 22.47
CA LYS A 348 38.32 -16.89 21.27
C LYS A 348 36.89 -16.73 20.79
N GLU A 349 35.93 -16.74 21.71
CA GLU A 349 34.53 -16.59 21.35
C GLU A 349 34.23 -15.21 20.80
N ILE A 350 34.79 -14.16 21.41
CA ILE A 350 34.46 -12.81 20.98
C ILE A 350 35.15 -12.47 19.67
N PHE A 351 36.46 -12.70 19.57
CA PHE A 351 37.23 -12.21 18.44
C PHE A 351 37.54 -13.28 17.40
N PHE A 352 37.06 -14.50 17.56
CA PHE A 352 37.36 -15.48 16.51
C PHE A 352 36.13 -16.18 15.97
N ASP A 353 35.15 -16.48 16.82
CA ASP A 353 33.96 -17.20 16.39
C ASP A 353 32.99 -16.19 15.78
N GLN A 354 32.73 -16.32 14.49
CA GLN A 354 31.98 -15.33 13.73
C GLN A 354 30.51 -15.71 13.56
N SER A 355 29.95 -16.42 14.55
CA SER A 355 28.53 -16.71 14.56
C SER A 355 27.93 -16.52 15.96
N LYS A 356 28.58 -15.73 16.81
CA LYS A 356 28.18 -15.60 18.21
C LYS A 356 27.78 -14.17 18.59
N ASN A 357 27.64 -13.27 17.61
CA ASN A 357 27.39 -11.84 17.81
C ASN A 357 28.50 -11.17 18.62
N GLY A 358 29.71 -11.71 18.58
CA GLY A 358 30.86 -11.07 19.20
C GLY A 358 31.43 -9.98 18.31
N TYR A 359 32.71 -9.69 18.43
CA TYR A 359 33.30 -8.73 17.52
C TYR A 359 33.52 -9.36 16.14
N ALA A 360 33.96 -10.61 16.12
CA ALA A 360 34.12 -11.31 14.85
C ALA A 360 32.78 -11.53 14.17
N GLY A 361 31.72 -11.77 14.95
CA GLY A 361 30.39 -11.88 14.38
C GLY A 361 29.80 -10.55 13.98
N TYR A 362 30.35 -9.44 14.48
CA TYR A 362 29.92 -8.11 14.10
C TYR A 362 30.66 -7.61 12.86
N ILE A 363 31.91 -8.03 12.68
CA ILE A 363 32.66 -7.64 11.50
C ILE A 363 32.46 -8.65 10.38
N ASP A 364 32.79 -9.92 10.63
CA ASP A 364 32.75 -10.93 9.58
C ASP A 364 31.42 -11.66 9.51
N GLY A 365 30.70 -11.76 10.62
CA GLY A 365 29.41 -12.40 10.61
C GLY A 365 28.31 -11.52 10.07
N GLY A 366 27.11 -11.62 10.62
CA GLY A 366 26.00 -10.82 10.16
C GLY A 366 25.32 -10.04 11.26
N ALA A 367 25.97 -9.95 12.41
CA ALA A 367 25.40 -9.23 13.54
C ALA A 367 25.42 -7.73 13.30
N SER A 368 24.31 -7.06 13.57
CA SER A 368 24.26 -5.61 13.47
C SER A 368 24.94 -4.99 14.69
N GLN A 369 24.98 -3.65 14.68
CA GLN A 369 25.55 -2.91 15.80
C GLN A 369 24.76 -3.13 17.09
N GLU A 370 23.42 -3.19 16.98
CA GLU A 370 22.60 -3.37 18.17
C GLU A 370 22.80 -4.76 18.77
N GLU A 371 22.89 -5.79 17.92
CA GLU A 371 23.15 -7.14 18.41
C GLU A 371 24.51 -7.26 19.06
N PHE A 372 25.53 -6.65 18.44
CA PHE A 372 26.86 -6.66 19.02
C PHE A 372 26.89 -5.94 20.36
N TYR A 373 26.17 -4.82 20.47
CA TYR A 373 26.12 -4.10 21.74
C TYR A 373 25.42 -4.92 22.81
N LYS A 374 24.32 -5.57 22.44
CA LYS A 374 23.58 -6.37 23.43
C LYS A 374 24.38 -7.58 23.88
N PHE A 375 25.19 -8.16 22.99
CA PHE A 375 26.04 -9.27 23.41
C PHE A 375 27.18 -8.78 24.29
N ILE A 376 27.82 -7.68 23.89
CA ILE A 376 29.06 -7.28 24.55
C ILE A 376 28.82 -6.50 25.83
N LYS A 377 27.60 -6.01 26.08
CA LYS A 377 27.33 -5.28 27.32
C LYS A 377 27.55 -6.10 28.59
N PRO A 378 27.06 -7.36 28.72
CA PRO A 378 27.44 -8.13 29.93
C PRO A 378 28.93 -8.37 30.07
N ILE A 379 29.62 -8.65 28.96
CA ILE A 379 31.07 -8.86 29.00
C ILE A 379 31.78 -7.60 29.46
N LEU A 380 31.41 -6.46 28.86
CA LEU A 380 32.06 -5.20 29.20
C LEU A 380 31.73 -4.75 30.62
N GLU A 381 30.56 -5.14 31.13
CA GLU A 381 30.14 -4.69 32.46
C GLU A 381 30.66 -5.56 33.59
N LYS A 382 30.77 -6.88 33.39
CA LYS A 382 31.29 -7.75 34.43
C LYS A 382 32.79 -7.59 34.64
N MET A 383 33.47 -6.82 33.80
CA MET A 383 34.90 -6.57 33.93
C MET A 383 35.12 -5.30 34.76
N ASP A 384 36.36 -4.83 34.82
CA ASP A 384 36.66 -3.52 35.41
C ASP A 384 37.71 -2.81 34.59
N GLY A 385 37.70 -1.48 34.67
CA GLY A 385 38.51 -0.65 33.81
C GLY A 385 37.89 -0.34 32.46
N THR A 386 36.61 -0.68 32.27
CA THR A 386 35.92 -0.57 31.00
C THR A 386 34.83 0.50 31.02
N GLU A 387 35.00 1.53 31.85
CA GLU A 387 33.89 2.44 32.11
C GLU A 387 33.64 3.38 30.93
N GLU A 388 34.71 3.94 30.35
CA GLU A 388 34.53 4.84 29.21
C GLU A 388 34.04 4.08 27.99
N LEU A 389 34.40 2.80 27.86
CA LEU A 389 33.79 1.97 26.81
C LEU A 389 32.30 1.81 27.05
N LEU A 390 31.90 1.70 28.32
CA LEU A 390 30.48 1.55 28.63
C LEU A 390 29.70 2.82 28.34
N VAL A 391 30.27 3.99 28.62
CA VAL A 391 29.56 5.22 28.30
C VAL A 391 29.52 5.45 26.79
N LYS A 392 30.59 5.02 26.08
CA LYS A 392 30.55 5.05 24.62
C LYS A 392 29.49 4.13 24.07
N LEU A 393 29.26 2.99 24.72
CA LEU A 393 28.21 2.07 24.29
C LEU A 393 26.83 2.64 24.58
N ASN A 394 26.67 3.29 25.73
CA ASN A 394 25.39 3.90 26.07
C ASN A 394 25.03 5.04 25.13
N ARG A 395 26.04 5.78 24.67
CA ARG A 395 25.82 6.79 23.65
C ARG A 395 25.78 6.22 22.23
N GLU A 396 25.85 4.89 22.09
CA GLU A 396 25.91 4.19 20.80
C GLU A 396 27.04 4.73 19.93
N ASP A 397 28.24 4.76 20.52
CA ASP A 397 29.40 5.29 19.82
C ASP A 397 30.64 4.43 20.08
N LEU A 398 30.45 3.13 20.29
CA LEU A 398 31.54 2.22 20.58
C LEU A 398 31.76 1.32 19.37
N LEU A 399 32.99 1.33 18.83
CA LEU A 399 33.42 0.46 17.74
C LEU A 399 32.51 0.58 16.53
N ARG A 400 32.26 1.81 16.11
CA ARG A 400 31.34 2.06 15.01
C ARG A 400 32.03 1.78 13.67
N LYS A 401 31.22 1.82 12.61
CA LYS A 401 31.69 1.66 11.25
C LYS A 401 31.51 2.96 10.50
N GLN A 402 32.20 3.08 9.37
CA GLN A 402 32.08 4.29 8.56
C GLN A 402 30.85 4.30 7.67
N ARG A 403 30.20 3.16 7.47
CA ARG A 403 28.98 3.07 6.68
C ARG A 403 27.94 2.28 7.48
N THR A 404 27.08 3.01 8.18
CA THR A 404 26.07 2.41 9.04
C THR A 404 24.67 2.72 8.50
N PHE A 405 23.67 2.30 9.25
CA PHE A 405 22.28 2.52 8.88
C PHE A 405 21.86 3.99 9.01
N ASP A 406 22.56 4.78 9.81
CA ASP A 406 22.14 6.16 10.06
C ASP A 406 22.96 7.18 9.27
N ASN A 407 23.53 6.77 8.13
CA ASN A 407 24.08 7.72 7.17
C ASN A 407 23.02 8.32 6.27
N GLY A 408 21.74 8.05 6.53
CA GLY A 408 20.64 8.65 5.78
C GLY A 408 20.36 10.10 6.12
N SER A 409 21.14 10.69 7.03
CA SER A 409 20.95 12.07 7.44
C SER A 409 21.86 13.05 6.70
N ILE A 410 22.90 12.55 6.02
CA ILE A 410 23.84 13.41 5.32
C ILE A 410 23.19 13.97 4.07
N PRO A 411 23.09 15.29 3.93
CA PRO A 411 22.55 15.88 2.69
C PRO A 411 23.56 15.83 1.56
N HIS A 412 23.05 15.94 0.34
CA HIS A 412 23.90 15.94 -0.85
C HIS A 412 24.82 17.16 -0.89
N GLN A 413 24.48 18.24 -0.17
CA GLN A 413 25.30 19.45 -0.17
C GLN A 413 26.70 19.20 0.40
N ILE A 414 26.84 18.31 1.37
CA ILE A 414 28.14 18.05 1.97
C ILE A 414 29.06 17.31 0.98
N HIS A 415 28.51 16.29 0.33
CA HIS A 415 29.24 15.60 -0.73
C HIS A 415 29.56 16.55 -1.87
N LEU A 416 28.65 17.47 -2.18
CA LEU A 416 28.89 18.45 -3.22
C LEU A 416 30.02 19.40 -2.83
N GLY A 417 30.07 19.80 -1.56
CA GLY A 417 31.17 20.62 -1.09
C GLY A 417 32.51 19.93 -1.20
N GLU A 418 32.56 18.64 -0.81
CA GLU A 418 33.82 17.90 -0.91
C GLU A 418 34.24 17.69 -2.36
N LEU A 419 33.29 17.38 -3.24
CA LEU A 419 33.59 17.20 -4.65
C LEU A 419 34.07 18.50 -5.29
N HIS A 420 33.38 19.61 -4.96
CA HIS A 420 33.80 20.92 -5.45
C HIS A 420 35.19 21.28 -4.96
N ALA A 421 35.50 20.96 -3.70
CA ALA A 421 36.83 21.21 -3.17
C ALA A 421 37.90 20.39 -3.88
N ILE A 422 37.61 19.11 -4.17
CA ILE A 422 38.57 18.27 -4.87
C ILE A 422 38.85 18.80 -6.27
N LEU A 423 37.78 19.14 -7.00
CA LEU A 423 37.96 19.69 -8.34
C LEU A 423 38.71 21.01 -8.31
N ARG A 424 38.40 21.86 -7.32
CA ARG A 424 39.05 23.16 -7.23
C ARG A 424 40.53 23.02 -6.90
N ARG A 425 40.89 22.04 -6.06
CA ARG A 425 42.30 21.79 -5.77
C ARG A 425 43.03 21.22 -6.98
N GLN A 426 42.43 20.26 -7.67
CA GLN A 426 43.15 19.49 -8.67
C GLN A 426 42.95 19.97 -10.10
N GLU A 427 42.25 21.10 -10.31
CA GLU A 427 42.02 21.55 -11.68
C GLU A 427 43.30 22.03 -12.36
N ASP A 428 44.28 22.54 -11.60
CA ASP A 428 45.43 23.19 -12.21
C ASP A 428 46.39 22.18 -12.84
N PHE A 429 46.40 20.94 -12.36
CA PHE A 429 47.33 19.95 -12.89
C PHE A 429 46.74 19.15 -14.04
N TYR A 430 45.43 18.90 -14.02
CA TYR A 430 44.75 18.30 -15.15
C TYR A 430 43.75 19.30 -15.72
N PRO A 431 44.03 19.88 -16.90
CA PRO A 431 43.15 20.95 -17.42
C PRO A 431 41.73 20.51 -17.72
N PHE A 432 41.53 19.26 -18.16
CA PHE A 432 40.19 18.77 -18.46
C PHE A 432 39.29 18.78 -17.24
N LEU A 433 39.88 18.70 -16.04
CA LEU A 433 39.08 18.76 -14.82
C LEU A 433 38.48 20.14 -14.63
N LYS A 434 39.23 21.19 -15.00
CA LYS A 434 38.67 22.54 -14.95
C LYS A 434 37.70 22.78 -16.09
N ASP A 435 37.95 22.17 -17.25
CA ASP A 435 37.11 22.44 -18.42
C ASP A 435 35.68 21.94 -18.23
N ASN A 436 35.47 20.88 -17.45
CA ASN A 436 34.12 20.37 -17.23
C ASN A 436 33.90 20.07 -15.75
N ARG A 437 34.27 21.00 -14.88
CA ARG A 437 33.90 20.89 -13.47
C ARG A 437 32.39 20.98 -13.28
N GLU A 438 31.76 21.90 -14.03
CA GLU A 438 30.32 22.10 -13.96
C GLU A 438 29.57 20.83 -14.35
N LYS A 439 30.09 20.10 -15.34
CA LYS A 439 29.46 18.85 -15.77
C LYS A 439 29.47 17.82 -14.64
N ILE A 440 30.59 17.68 -13.93
CA ILE A 440 30.68 16.70 -12.86
C ILE A 440 29.79 17.08 -11.69
N GLU A 441 29.76 18.37 -11.34
CA GLU A 441 28.83 18.83 -10.31
C GLU A 441 27.38 18.59 -10.72
N LYS A 442 27.08 18.75 -12.01
CA LYS A 442 25.73 18.45 -12.50
C LYS A 442 25.40 16.97 -12.38
N ILE A 443 26.37 16.11 -12.73
CA ILE A 443 26.19 14.66 -12.56
C ILE A 443 25.87 14.31 -11.12
N LEU A 444 26.53 14.98 -10.18
CA LEU A 444 26.24 14.72 -8.77
C LEU A 444 24.86 15.25 -8.39
N THR A 445 24.54 16.49 -8.78
CA THR A 445 23.39 17.19 -8.23
C THR A 445 22.09 16.96 -8.99
N PHE A 446 22.11 16.34 -10.16
CA PHE A 446 20.91 16.24 -10.98
C PHE A 446 19.93 15.23 -10.41
N ARG A 447 18.66 15.60 -10.42
CA ARG A 447 17.56 14.67 -10.22
C ARG A 447 16.54 14.86 -11.32
N ILE A 448 15.94 13.76 -11.75
CA ILE A 448 14.72 13.87 -12.55
C ILE A 448 13.61 14.42 -11.66
N PRO A 449 12.89 15.47 -12.08
CA PRO A 449 11.77 15.95 -11.27
C PRO A 449 10.68 14.90 -11.18
N TYR A 450 10.02 14.86 -10.02
CA TYR A 450 8.95 13.89 -9.79
C TYR A 450 7.77 14.08 -10.74
N TYR A 451 7.56 15.29 -11.23
CA TYR A 451 6.50 15.60 -12.18
C TYR A 451 6.88 15.35 -13.63
N VAL A 452 8.09 14.85 -13.90
CA VAL A 452 8.50 14.49 -15.24
C VAL A 452 8.41 12.98 -15.46
N GLY A 453 8.74 12.20 -14.43
CA GLY A 453 8.61 10.76 -14.50
C GLY A 453 9.67 10.11 -15.37
N PRO A 454 9.42 8.87 -15.79
CA PRO A 454 10.42 8.14 -16.58
C PRO A 454 10.69 8.81 -17.92
N LEU A 455 11.95 8.77 -18.34
CA LEU A 455 12.38 9.41 -19.57
C LEU A 455 12.16 8.50 -20.78
N ALA A 456 10.92 8.03 -20.96
CA ALA A 456 10.63 7.05 -21.99
C ALA A 456 10.58 7.70 -23.38
N ARG A 457 10.44 6.84 -24.38
CA ARG A 457 10.24 7.25 -25.77
C ARG A 457 8.99 6.60 -26.34
N GLY A 458 7.94 6.54 -25.53
CA GLY A 458 6.70 5.94 -25.95
C GLY A 458 6.61 4.44 -25.80
N ASN A 459 7.49 3.84 -25.01
CA ASN A 459 7.46 2.40 -24.76
C ASN A 459 7.14 2.06 -23.32
N SER A 460 6.77 3.04 -22.50
CA SER A 460 6.37 2.82 -21.12
C SER A 460 4.91 3.14 -20.95
N ARG A 461 4.25 2.37 -20.09
CA ARG A 461 2.87 2.64 -19.70
C ARG A 461 2.79 3.49 -18.44
N PHE A 462 3.93 3.95 -17.93
CA PHE A 462 3.99 4.79 -16.75
C PHE A 462 4.40 6.21 -17.06
N ALA A 463 4.84 6.49 -18.27
CA ALA A 463 5.42 7.78 -18.61
C ALA A 463 4.35 8.74 -19.12
N TRP A 464 4.61 10.03 -18.90
CA TRP A 464 3.77 11.10 -19.39
C TRP A 464 4.58 12.24 -19.99
N MET A 465 5.90 12.14 -20.00
CA MET A 465 6.78 13.20 -20.45
C MET A 465 6.63 13.44 -21.95
N THR A 466 6.67 14.71 -22.34
CA THR A 466 6.77 15.12 -23.74
C THR A 466 8.09 15.86 -23.94
N ARG A 467 8.85 15.46 -24.95
CA ARG A 467 10.17 16.02 -25.20
C ARG A 467 10.13 16.95 -26.41
N LYS A 468 10.81 18.10 -26.28
CA LYS A 468 10.90 19.05 -27.39
C LYS A 468 11.69 18.46 -28.56
N SER A 469 12.86 17.92 -28.28
CA SER A 469 13.71 17.31 -29.28
C SER A 469 13.73 15.81 -29.09
N GLU A 470 14.55 15.12 -29.89
CA GLU A 470 14.64 13.67 -29.85
C GLU A 470 16.10 13.22 -29.72
N GLU A 471 16.86 13.96 -28.94
CA GLU A 471 18.22 13.57 -28.59
C GLU A 471 18.22 12.79 -27.27
N THR A 472 19.32 12.10 -27.01
CA THR A 472 19.46 11.36 -25.77
C THR A 472 19.56 12.32 -24.60
N ILE A 473 18.79 12.05 -23.55
CA ILE A 473 18.74 12.94 -22.39
C ILE A 473 19.92 12.62 -21.50
N THR A 474 20.82 13.58 -21.36
CA THR A 474 21.86 13.60 -20.36
C THR A 474 21.48 14.61 -19.30
N PRO A 475 22.12 14.61 -18.14
CA PRO A 475 21.81 15.65 -17.14
C PRO A 475 22.13 17.07 -17.59
N TRP A 476 22.94 17.23 -18.63
CA TRP A 476 23.31 18.56 -19.08
C TRP A 476 22.26 19.17 -20.00
N ASN A 477 21.81 18.44 -21.01
CA ASN A 477 20.73 18.92 -21.87
C ASN A 477 19.41 18.29 -21.44
N PHE A 478 19.00 18.62 -20.22
CA PHE A 478 17.66 18.26 -19.77
C PHE A 478 16.70 19.44 -19.88
N GLU A 479 17.22 20.65 -19.75
CA GLU A 479 16.39 21.85 -19.80
C GLU A 479 15.99 22.23 -21.22
N GLU A 480 16.72 21.74 -22.23
CA GLU A 480 16.42 22.08 -23.61
C GLU A 480 16.10 20.83 -24.43
N VAL A 481 15.69 19.76 -23.77
CA VAL A 481 15.12 18.60 -24.45
C VAL A 481 13.74 18.22 -23.89
N VAL A 482 13.48 18.41 -22.61
CA VAL A 482 12.21 18.06 -22.00
C VAL A 482 11.34 19.30 -21.91
N ASP A 483 10.12 19.21 -22.41
CA ASP A 483 9.14 20.28 -22.22
C ASP A 483 8.62 20.09 -20.81
N LYS A 484 9.27 20.77 -19.86
CA LYS A 484 8.94 20.59 -18.45
C LYS A 484 7.55 21.13 -18.12
N GLY A 485 7.12 22.18 -18.81
CA GLY A 485 5.79 22.73 -18.59
C GLY A 485 4.66 21.78 -18.94
N ALA A 486 4.70 21.25 -20.16
CA ALA A 486 3.69 20.29 -20.60
C ALA A 486 3.73 19.02 -19.78
N SER A 487 4.93 18.55 -19.44
CA SER A 487 5.08 17.35 -18.63
C SER A 487 4.53 17.56 -17.23
N ALA A 488 4.81 18.73 -16.64
CA ALA A 488 4.28 19.05 -15.32
C ALA A 488 2.77 19.18 -15.35
N GLN A 489 2.22 19.71 -16.44
CA GLN A 489 0.77 19.74 -16.61
C GLN A 489 0.20 18.32 -16.67
N SER A 490 0.76 17.48 -17.54
CA SER A 490 0.27 16.11 -17.72
C SER A 490 0.44 15.27 -16.46
N PHE A 491 1.36 15.65 -15.58
CA PHE A 491 1.49 14.98 -14.29
C PHE A 491 0.22 15.12 -13.46
N ILE A 492 -0.45 16.27 -13.54
CA ILE A 492 -1.69 16.48 -12.82
C ILE A 492 -2.90 16.04 -13.64
N GLU A 493 -2.88 16.29 -14.95
CA GLU A 493 -4.04 15.98 -15.78
C GLU A 493 -4.33 14.50 -15.85
N ARG A 494 -3.31 13.64 -15.78
CA ARG A 494 -3.55 12.21 -15.80
C ARG A 494 -4.18 11.70 -14.52
N MET A 495 -4.18 12.51 -13.46
CA MET A 495 -4.57 12.04 -12.14
C MET A 495 -5.98 12.46 -11.76
N THR A 496 -6.33 13.72 -12.00
CA THR A 496 -7.64 14.25 -11.64
C THR A 496 -8.66 13.74 -12.65
N ASN A 497 -9.60 12.92 -12.18
CA ASN A 497 -10.60 12.31 -13.03
C ASN A 497 -11.61 13.32 -13.53
N PHE A 498 -12.34 12.93 -14.58
CA PHE A 498 -13.42 13.74 -15.12
C PHE A 498 -14.62 13.70 -14.17
N ASP A 499 -15.63 14.52 -14.48
CA ASP A 499 -16.88 14.48 -13.75
C ASP A 499 -17.68 13.24 -14.12
N LYS A 500 -18.45 12.74 -13.14
CA LYS A 500 -19.22 11.52 -13.33
C LYS A 500 -20.33 11.66 -14.36
N ASN A 501 -20.79 12.88 -14.65
CA ASN A 501 -21.94 13.07 -15.52
C ASN A 501 -21.57 13.18 -17.00
N LEU A 502 -20.52 13.95 -17.33
CA LEU A 502 -20.13 14.20 -18.71
C LEU A 502 -18.66 13.84 -18.89
N PRO A 503 -18.33 12.54 -18.94
CA PRO A 503 -16.92 12.11 -18.85
C PRO A 503 -16.09 12.40 -20.09
N ASN A 504 -16.02 13.67 -20.51
CA ASN A 504 -15.09 14.07 -21.56
C ASN A 504 -14.31 15.33 -21.21
N GLU A 505 -14.64 16.02 -20.13
CA GLU A 505 -14.01 17.28 -19.76
C GLU A 505 -13.37 17.16 -18.39
N LYS A 506 -12.22 17.80 -18.23
CA LYS A 506 -11.51 17.79 -16.95
C LYS A 506 -12.17 18.75 -15.97
N VAL A 507 -12.27 18.31 -14.71
CA VAL A 507 -12.87 19.15 -13.68
C VAL A 507 -12.01 20.37 -13.39
N LEU A 508 -12.65 21.42 -12.87
CA LEU A 508 -11.96 22.63 -12.45
C LEU A 508 -11.27 22.40 -11.11
N PRO A 509 -10.32 23.26 -10.75
CA PRO A 509 -9.83 23.28 -9.36
C PRO A 509 -10.93 23.62 -8.39
N LYS A 510 -10.80 23.12 -7.15
CA LYS A 510 -11.84 23.32 -6.15
C LYS A 510 -11.96 24.79 -5.75
N HIS A 511 -10.83 25.49 -5.64
CA HIS A 511 -10.76 26.93 -5.41
C HIS A 511 -11.16 27.78 -6.61
N SER A 512 -11.77 27.22 -7.65
CA SER A 512 -12.37 28.02 -8.70
C SER A 512 -13.41 28.97 -8.13
N LEU A 513 -13.44 30.18 -8.70
CA LEU A 513 -14.50 31.13 -8.38
C LEU A 513 -15.86 30.58 -8.82
N LEU A 514 -15.91 29.97 -10.01
CA LEU A 514 -17.16 29.38 -10.49
C LEU A 514 -17.63 28.23 -9.60
N TYR A 515 -16.71 27.35 -9.20
CA TYR A 515 -17.07 26.21 -8.36
C TYR A 515 -17.54 26.63 -6.97
N GLU A 516 -16.88 27.62 -6.39
CA GLU A 516 -17.31 28.07 -5.06
C GLU A 516 -18.59 28.90 -5.13
N TYR A 517 -18.78 29.65 -6.22
CA TYR A 517 -20.09 30.23 -6.51
C TYR A 517 -21.16 29.15 -6.52
N PHE A 518 -20.89 28.05 -7.25
CA PHE A 518 -21.81 26.92 -7.31
C PHE A 518 -22.14 26.40 -5.92
N THR A 519 -21.12 26.22 -5.08
CA THR A 519 -21.35 25.62 -3.76
C THR A 519 -22.17 26.53 -2.85
N VAL A 520 -21.79 27.81 -2.77
CA VAL A 520 -22.51 28.73 -1.88
C VAL A 520 -23.92 28.99 -2.39
N TYR A 521 -24.10 29.09 -3.71
CA TYR A 521 -25.44 29.27 -4.25
C TYR A 521 -26.29 28.00 -4.13
N ASN A 522 -25.67 26.82 -4.20
CA ASN A 522 -26.41 25.58 -4.06
C ASN A 522 -26.95 25.42 -2.65
N GLU A 523 -26.11 25.63 -1.64
CA GLU A 523 -26.59 25.53 -0.27
C GLU A 523 -27.17 26.83 0.28
N LEU A 524 -27.26 27.87 -0.55
CA LEU A 524 -28.04 29.05 -0.25
C LEU A 524 -29.41 29.02 -0.95
N THR A 525 -29.52 28.20 -2.00
CA THR A 525 -30.74 28.09 -2.78
C THR A 525 -31.89 27.51 -1.96
N LYS A 526 -31.62 26.44 -1.20
CA LYS A 526 -32.64 25.82 -0.37
C LYS A 526 -32.70 26.40 1.04
N VAL A 527 -32.16 27.60 1.24
CA VAL A 527 -32.40 28.32 2.48
C VAL A 527 -33.73 29.05 2.37
N LYS A 528 -34.68 28.69 3.23
CA LYS A 528 -35.97 29.36 3.29
C LYS A 528 -36.13 30.00 4.67
N TYR A 529 -36.75 31.18 4.68
CA TYR A 529 -36.89 31.98 5.88
C TYR A 529 -38.38 32.13 6.21
N VAL A 530 -38.73 31.87 7.47
CA VAL A 530 -40.09 32.02 7.96
C VAL A 530 -40.09 33.19 8.94
N THR A 531 -40.89 34.20 8.63
CA THR A 531 -40.84 35.45 9.38
C THR A 531 -42.21 36.12 9.32
N GLU A 532 -42.31 37.26 10.02
CA GLU A 532 -43.57 37.99 10.15
C GLU A 532 -44.12 38.47 8.81
N GLY A 533 -43.24 38.74 7.84
CA GLY A 533 -43.67 39.34 6.58
C GLY A 533 -44.54 38.47 5.70
N MET A 534 -44.51 37.14 5.89
CA MET A 534 -45.32 36.24 5.11
C MET A 534 -45.91 35.16 6.01
N ARG A 535 -47.11 34.71 5.66
CA ARG A 535 -47.76 33.61 6.37
C ARG A 535 -47.29 32.25 5.88
N LYS A 536 -46.51 32.19 4.80
CA LYS A 536 -46.04 30.96 4.19
C LYS A 536 -44.55 31.06 3.92
N PRO A 537 -43.81 29.96 4.13
CA PRO A 537 -42.35 30.01 3.93
C PRO A 537 -41.99 30.19 2.46
N ALA A 538 -41.04 31.09 2.20
CA ALA A 538 -40.51 31.32 0.87
C ALA A 538 -39.00 31.17 0.88
N PHE A 539 -38.47 30.61 -0.21
CA PHE A 539 -37.03 30.53 -0.37
C PHE A 539 -36.45 31.89 -0.76
N LEU A 540 -35.13 32.00 -0.61
CA LEU A 540 -34.40 33.19 -0.99
C LEU A 540 -34.47 33.45 -2.49
N SER A 541 -35.04 34.57 -2.89
CA SER A 541 -35.06 34.95 -4.30
C SER A 541 -33.67 35.34 -4.78
N GLY A 542 -33.55 35.52 -6.10
CA GLY A 542 -32.25 35.86 -6.68
C GLY A 542 -31.68 37.18 -6.19
N GLU A 543 -32.56 38.17 -5.95
CA GLU A 543 -32.09 39.42 -5.36
C GLU A 543 -31.59 39.22 -3.93
N GLN A 544 -32.27 38.39 -3.16
CA GLN A 544 -31.86 38.15 -1.78
C GLN A 544 -30.58 37.32 -1.71
N LYS A 545 -30.45 36.31 -2.57
CA LYS A 545 -29.19 35.57 -2.66
C LYS A 545 -28.05 36.48 -3.13
N LYS A 546 -28.34 37.39 -4.07
CA LYS A 546 -27.37 38.40 -4.48
C LYS A 546 -26.94 39.28 -3.30
N ALA A 547 -27.90 39.75 -2.50
CA ALA A 547 -27.56 40.60 -1.36
C ALA A 547 -26.74 39.84 -0.31
N ILE A 548 -27.09 38.57 -0.07
CA ILE A 548 -26.35 37.75 0.90
C ILE A 548 -24.92 37.53 0.42
N VAL A 549 -24.73 37.22 -0.86
CA VAL A 549 -23.38 36.99 -1.39
C VAL A 549 -22.59 38.30 -1.42
N ASP A 550 -23.22 39.38 -1.89
CA ASP A 550 -22.51 40.64 -2.12
C ASP A 550 -22.11 41.31 -0.81
N LEU A 551 -23.00 41.36 0.17
CA LEU A 551 -22.65 41.98 1.45
C LEU A 551 -21.67 41.12 2.24
N LEU A 552 -21.99 39.83 2.36
CA LEU A 552 -21.32 38.93 3.29
C LEU A 552 -20.20 38.08 2.68
N PHE A 553 -20.51 37.22 1.70
CA PHE A 553 -19.48 36.36 1.12
C PHE A 553 -18.38 37.14 0.40
N LYS A 554 -18.72 38.22 -0.28
CA LYS A 554 -17.71 38.96 -1.01
C LYS A 554 -16.88 39.88 -0.12
N THR A 555 -17.12 39.86 1.20
CA THR A 555 -16.27 40.52 2.19
C THR A 555 -15.72 39.57 3.26
N ASN A 556 -16.46 38.53 3.65
CA ASN A 556 -16.00 37.60 4.68
C ASN A 556 -16.43 36.17 4.35
N ARG A 557 -15.67 35.20 4.85
CA ARG A 557 -15.90 33.80 4.49
C ARG A 557 -17.03 33.15 5.27
N LYS A 558 -17.38 33.66 6.45
CA LYS A 558 -18.42 33.04 7.26
C LYS A 558 -19.80 33.61 6.87
N VAL A 559 -20.85 32.85 7.17
CA VAL A 559 -22.20 33.15 6.70
C VAL A 559 -23.20 33.20 7.87
N THR A 560 -24.20 34.09 7.71
CA THR A 560 -25.37 34.17 8.56
C THR A 560 -26.47 34.91 7.81
N VAL A 561 -27.64 34.28 7.64
CA VAL A 561 -28.67 34.80 6.74
C VAL A 561 -29.48 35.96 7.35
N LYS A 562 -29.32 36.23 8.65
CA LYS A 562 -30.22 37.10 9.41
C LYS A 562 -30.27 38.55 8.91
N GLN A 563 -29.29 38.96 8.09
CA GLN A 563 -29.28 40.30 7.50
C GLN A 563 -30.53 40.59 6.67
N LEU A 564 -31.19 39.57 6.14
CA LEU A 564 -32.47 39.78 5.45
C LEU A 564 -33.51 40.37 6.36
N LYS A 565 -33.72 39.77 7.54
CA LYS A 565 -34.75 40.26 8.43
C LYS A 565 -34.32 41.56 9.10
N GLU A 566 -33.05 41.65 9.50
CA GLU A 566 -32.65 42.79 10.31
C GLU A 566 -32.22 44.00 9.49
N ASP A 567 -31.83 43.84 8.22
CA ASP A 567 -31.50 45.00 7.39
C ASP A 567 -32.35 45.10 6.12
N TYR A 568 -32.41 44.01 5.34
CA TYR A 568 -32.83 44.12 3.94
C TYR A 568 -34.33 44.40 3.81
N PHE A 569 -35.16 43.72 4.60
CA PHE A 569 -36.60 43.94 4.51
C PHE A 569 -37.01 45.31 5.04
N LYS A 570 -36.15 45.99 5.80
CA LYS A 570 -36.36 47.39 6.11
C LYS A 570 -35.77 48.29 5.03
N LYS A 571 -34.59 47.94 4.51
CA LYS A 571 -33.88 48.81 3.57
C LYS A 571 -34.53 48.82 2.20
N ILE A 572 -34.94 47.64 1.71
CA ILE A 572 -35.53 47.54 0.38
C ILE A 572 -36.94 48.11 0.37
N ASN A 588 -20.48 25.33 6.24
CA ASN A 588 -20.05 24.54 5.10
C ASN A 588 -20.27 25.28 3.76
N ALA A 589 -19.99 26.59 3.76
CA ALA A 589 -20.02 27.39 2.54
C ALA A 589 -18.97 28.49 2.65
N SER A 590 -18.26 28.73 1.53
CA SER A 590 -17.22 29.75 1.52
C SER A 590 -16.92 30.20 0.10
N LEU A 591 -16.51 31.46 -0.02
CA LEU A 591 -15.91 32.05 -1.21
C LEU A 591 -14.50 32.51 -0.90
N GLY A 592 -13.67 31.58 -0.41
CA GLY A 592 -12.35 31.94 0.09
C GLY A 592 -11.42 32.54 -0.96
N THR A 593 -11.49 32.04 -2.19
CA THR A 593 -10.59 32.50 -3.25
C THR A 593 -10.90 33.95 -3.63
N TYR A 594 -12.18 34.34 -3.55
CA TYR A 594 -12.55 35.73 -3.78
C TYR A 594 -11.92 36.65 -2.74
N HIS A 595 -11.91 36.23 -1.48
CA HIS A 595 -11.32 37.03 -0.41
C HIS A 595 -9.80 37.09 -0.55
N ASP A 596 -9.19 35.97 -0.96
CA ASP A 596 -7.76 35.96 -1.22
C ASP A 596 -7.38 36.92 -2.34
N LEU A 597 -8.12 36.86 -3.45
CA LEU A 597 -7.75 37.66 -4.61
C LEU A 597 -8.13 39.12 -4.38
N LEU A 598 -9.09 39.37 -3.47
CA LEU A 598 -9.45 40.71 -3.02
C LEU A 598 -8.47 41.28 -2.00
N LYS A 599 -7.66 40.44 -1.32
CA LYS A 599 -6.56 40.99 -0.54
C LYS A 599 -5.24 40.97 -1.30
N ILE A 600 -5.20 40.39 -2.52
CA ILE A 600 -3.98 40.47 -3.32
C ILE A 600 -4.07 41.53 -4.42
N ILE A 601 -5.01 41.37 -5.37
CA ILE A 601 -5.24 42.42 -6.36
C ILE A 601 -5.84 43.66 -5.71
N LYS A 602 -6.72 43.45 -4.71
CA LYS A 602 -7.37 44.52 -3.94
C LYS A 602 -8.24 45.41 -4.81
N ASP A 603 -8.79 44.85 -5.89
CA ASP A 603 -9.77 45.53 -6.72
C ASP A 603 -11.02 44.64 -6.80
N LYS A 604 -12.16 45.17 -6.35
CA LYS A 604 -13.40 44.39 -6.39
C LYS A 604 -13.99 44.35 -7.79
N ASP A 605 -13.66 45.32 -8.64
CA ASP A 605 -14.15 45.34 -10.02
C ASP A 605 -13.69 44.12 -10.79
N PHE A 606 -12.37 43.91 -10.88
CA PHE A 606 -11.81 42.83 -11.68
C PHE A 606 -12.16 41.46 -11.14
N LEU A 607 -12.63 41.37 -9.89
CA LEU A 607 -13.24 40.14 -9.40
C LEU A 607 -14.67 40.02 -9.88
N ASP A 608 -15.45 41.09 -9.70
CA ASP A 608 -16.84 41.10 -10.15
C ASP A 608 -16.99 41.25 -11.65
N ASN A 609 -15.91 41.57 -12.37
CA ASN A 609 -15.95 41.64 -13.83
C ASN A 609 -15.89 40.22 -14.39
N GLU A 610 -17.04 39.71 -14.84
CA GLU A 610 -17.09 38.38 -15.42
C GLU A 610 -16.54 38.33 -16.84
N GLU A 611 -16.25 39.47 -17.45
CA GLU A 611 -15.73 39.51 -18.81
C GLU A 611 -14.34 38.88 -18.93
N ASN A 612 -13.57 38.86 -17.84
CA ASN A 612 -12.27 38.20 -17.81
C ASN A 612 -12.25 37.03 -16.84
N GLU A 613 -13.43 36.52 -16.44
CA GLU A 613 -13.47 35.47 -15.44
C GLU A 613 -12.83 34.19 -15.94
N ASP A 614 -12.83 33.98 -17.27
CA ASP A 614 -12.16 32.83 -17.85
C ASP A 614 -10.66 32.87 -17.62
N ILE A 615 -10.03 34.05 -17.76
CA ILE A 615 -8.60 34.10 -17.50
C ILE A 615 -8.30 34.22 -16.01
N LEU A 616 -9.24 34.71 -15.20
CA LEU A 616 -9.10 34.57 -13.74
C LEU A 616 -9.07 33.10 -13.33
N GLU A 617 -9.95 32.30 -13.94
CA GLU A 617 -9.91 30.86 -13.74
C GLU A 617 -8.64 30.25 -14.32
N ASP A 618 -8.06 30.86 -15.36
CA ASP A 618 -6.75 30.41 -15.83
C ASP A 618 -5.67 30.66 -14.78
N ILE A 619 -5.71 31.81 -14.09
CA ILE A 619 -4.80 32.04 -12.97
C ILE A 619 -4.98 30.96 -11.91
N VAL A 620 -6.23 30.73 -11.50
CA VAL A 620 -6.51 29.75 -10.45
C VAL A 620 -6.06 28.36 -10.88
N LEU A 621 -6.27 28.02 -12.15
CA LEU A 621 -5.87 26.72 -12.69
C LEU A 621 -4.35 26.56 -12.69
N THR A 622 -3.61 27.61 -13.08
CA THR A 622 -2.15 27.51 -13.08
C THR A 622 -1.60 27.41 -11.66
N LEU A 623 -2.13 28.18 -10.73
CA LEU A 623 -1.74 28.03 -9.33
C LEU A 623 -2.27 26.75 -8.67
N THR A 624 -3.13 26.00 -9.34
CA THR A 624 -3.48 24.66 -8.89
C THR A 624 -2.64 23.57 -9.53
N LEU A 625 -2.37 23.69 -10.83
CA LEU A 625 -1.53 22.74 -11.56
C LEU A 625 -0.09 22.75 -11.08
N PHE A 626 0.49 23.92 -10.84
CA PHE A 626 1.92 24.04 -10.65
C PHE A 626 2.25 24.51 -9.24
N GLU A 627 3.35 23.97 -8.71
CA GLU A 627 3.86 24.33 -7.39
C GLU A 627 5.33 24.73 -7.41
N ASP A 628 6.12 24.23 -8.35
CA ASP A 628 7.48 24.73 -8.58
C ASP A 628 7.34 26.12 -9.19
N ARG A 629 8.05 27.07 -8.59
CA ARG A 629 7.75 28.49 -8.74
C ARG A 629 7.92 29.00 -10.18
N GLU A 630 9.01 28.62 -10.83
CA GLU A 630 9.25 29.23 -12.14
C GLU A 630 8.36 28.66 -13.23
N MET A 631 7.74 27.50 -13.04
CA MET A 631 6.72 27.13 -14.01
C MET A 631 5.42 27.90 -13.77
N ILE A 632 5.15 28.31 -12.53
CA ILE A 632 4.07 29.25 -12.29
C ILE A 632 4.36 30.55 -13.01
N GLU A 633 5.58 31.07 -12.89
CA GLU A 633 5.93 32.29 -13.63
C GLU A 633 5.87 32.08 -15.13
N GLU A 634 6.26 30.89 -15.60
CA GLU A 634 6.20 30.55 -17.02
C GLU A 634 4.77 30.61 -17.52
N ARG A 635 3.83 30.17 -16.70
CA ARG A 635 2.42 30.29 -17.08
C ARG A 635 1.92 31.73 -17.02
N LEU A 636 2.48 32.58 -16.14
CA LEU A 636 2.08 33.98 -16.15
C LEU A 636 2.89 34.91 -17.04
N LYS A 637 3.81 34.42 -17.88
CA LYS A 637 4.30 35.29 -18.95
C LYS A 637 3.19 35.86 -19.82
N THR A 638 2.16 35.07 -20.13
CA THR A 638 1.15 35.54 -21.09
C THR A 638 0.26 36.64 -20.55
N TYR A 639 0.33 36.93 -19.24
CA TYR A 639 -0.46 37.99 -18.62
C TYR A 639 0.40 39.13 -18.09
N ALA A 640 1.62 39.29 -18.62
CA ALA A 640 2.51 40.35 -18.17
C ALA A 640 1.96 41.74 -18.50
N HIS A 641 1.15 41.84 -19.56
CA HIS A 641 0.61 43.14 -19.98
C HIS A 641 -0.62 43.54 -19.20
N LEU A 642 -1.16 42.66 -18.33
CA LEU A 642 -2.26 43.04 -17.47
C LEU A 642 -1.82 43.62 -16.13
N PHE A 643 -0.59 43.36 -15.71
CA PHE A 643 -0.26 43.51 -14.30
C PHE A 643 1.17 44.00 -14.15
N ASP A 644 1.46 44.65 -13.03
CA ASP A 644 2.80 45.13 -12.73
C ASP A 644 3.57 44.10 -11.91
N ASP A 645 4.90 44.30 -11.87
CA ASP A 645 5.84 43.24 -11.50
C ASP A 645 5.62 42.74 -10.06
N LYS A 646 5.38 43.66 -9.13
CA LYS A 646 5.23 43.29 -7.73
C LYS A 646 3.96 42.46 -7.50
N VAL A 647 2.94 42.61 -8.35
CA VAL A 647 1.75 41.85 -8.04
C VAL A 647 1.85 40.43 -8.57
N MET A 648 2.65 40.14 -9.62
CA MET A 648 2.96 38.72 -9.80
C MET A 648 3.93 38.19 -8.76
N LYS A 649 4.76 39.04 -8.16
CA LYS A 649 5.44 38.55 -6.96
C LYS A 649 4.46 38.22 -5.85
N GLN A 650 3.31 38.88 -5.79
CA GLN A 650 2.29 38.48 -4.83
C GLN A 650 1.52 37.23 -5.26
N LEU A 651 1.19 37.10 -6.56
CA LEU A 651 0.41 35.93 -7.00
C LEU A 651 1.25 34.65 -6.91
N LYS A 652 2.54 34.71 -7.26
CA LYS A 652 3.37 33.50 -7.24
C LYS A 652 3.46 32.87 -5.85
N ARG A 653 3.29 33.68 -4.79
CA ARG A 653 3.26 33.14 -3.43
C ARG A 653 1.92 32.47 -3.11
N ARG A 654 0.84 32.88 -3.75
CA ARG A 654 -0.43 32.16 -3.64
C ARG A 654 -0.29 30.80 -4.32
N ARG A 655 -1.06 29.83 -3.81
CA ARG A 655 -0.97 28.44 -4.24
C ARG A 655 -2.27 27.75 -3.84
N TYR A 656 -2.90 27.05 -4.78
CA TYR A 656 -4.19 26.43 -4.54
C TYR A 656 -4.09 24.93 -4.71
N THR A 657 -4.84 24.20 -3.88
CA THR A 657 -4.80 22.74 -3.85
C THR A 657 -6.20 22.17 -3.86
N GLY A 658 -6.38 21.04 -4.54
CA GLY A 658 -7.66 20.38 -4.58
C GLY A 658 -8.45 20.72 -5.83
N TRP A 659 -9.35 19.82 -6.19
CA TRP A 659 -10.06 19.90 -7.47
C TRP A 659 -11.55 19.74 -7.28
N GLY A 660 -12.31 20.48 -8.09
CA GLY A 660 -13.75 20.39 -8.06
C GLY A 660 -14.26 19.05 -8.57
N ARG A 661 -15.54 18.81 -8.32
CA ARG A 661 -16.17 17.55 -8.65
C ARG A 661 -16.87 17.55 -10.01
N LEU A 662 -16.93 18.69 -10.70
CA LEU A 662 -17.70 18.73 -11.93
C LEU A 662 -17.16 19.82 -12.86
N SER A 663 -17.41 19.64 -14.16
CA SER A 663 -16.72 20.39 -15.21
C SER A 663 -17.39 21.72 -15.52
N ARG A 664 -16.72 22.50 -16.39
CA ARG A 664 -17.20 23.83 -16.74
C ARG A 664 -18.37 23.78 -17.73
N LYS A 665 -18.46 22.71 -18.53
CA LYS A 665 -19.57 22.58 -19.47
C LYS A 665 -20.90 22.48 -18.72
N LEU A 666 -20.92 21.72 -17.62
CA LEU A 666 -22.12 21.66 -16.80
C LEU A 666 -22.35 22.95 -16.03
N ILE A 667 -21.29 23.71 -15.76
CA ILE A 667 -21.43 24.98 -15.05
C ILE A 667 -22.02 26.07 -15.94
N ASN A 668 -21.46 26.27 -17.13
CA ASN A 668 -21.76 27.46 -17.91
C ASN A 668 -21.98 27.20 -19.40
N GLY A 669 -21.86 25.96 -19.85
CA GLY A 669 -21.96 25.69 -21.27
C GLY A 669 -23.31 25.19 -21.74
N ILE A 670 -24.35 25.44 -20.94
CA ILE A 670 -25.68 24.89 -21.23
C ILE A 670 -26.74 25.93 -20.90
N ARG A 671 -27.80 25.96 -21.71
CA ARG A 671 -29.01 26.71 -21.44
C ARG A 671 -30.18 25.74 -21.38
N ASP A 672 -31.07 25.94 -20.41
CA ASP A 672 -32.28 25.14 -20.33
C ASP A 672 -33.25 25.56 -21.44
N LYS A 673 -33.93 24.58 -22.02
CA LYS A 673 -34.84 24.88 -23.12
C LYS A 673 -36.17 25.48 -22.66
N GLN A 674 -36.45 25.49 -21.36
CA GLN A 674 -37.72 26.00 -20.84
C GLN A 674 -37.54 27.30 -20.08
N SER A 675 -36.70 27.31 -19.03
CA SER A 675 -36.45 28.53 -18.29
C SER A 675 -35.53 29.47 -19.05
N GLY A 676 -34.70 28.95 -19.95
CA GLY A 676 -33.70 29.73 -20.63
C GLY A 676 -32.43 29.96 -19.85
N LYS A 677 -32.35 29.45 -18.62
CA LYS A 677 -31.24 29.76 -17.74
C LYS A 677 -30.16 28.68 -17.78
N THR A 678 -28.92 29.14 -17.58
CA THR A 678 -27.81 28.28 -17.23
C THR A 678 -28.03 27.75 -15.80
N ILE A 679 -27.49 26.56 -15.50
CA ILE A 679 -27.63 25.94 -14.17
C ILE A 679 -27.18 26.90 -13.07
N LEU A 680 -26.01 27.53 -13.28
CA LEU A 680 -25.55 28.51 -12.30
C LEU A 680 -26.43 29.74 -12.26
N ASP A 681 -27.21 30.02 -13.33
CA ASP A 681 -28.20 31.09 -13.22
C ASP A 681 -29.37 30.67 -12.32
N PHE A 682 -29.79 29.40 -12.36
CA PHE A 682 -30.78 28.94 -11.37
C PHE A 682 -30.24 29.08 -9.96
N LEU A 683 -28.99 28.67 -9.75
CA LEU A 683 -28.40 28.77 -8.41
C LEU A 683 -28.24 30.23 -7.99
N LYS A 684 -27.90 31.11 -8.93
CA LYS A 684 -27.88 32.54 -8.65
C LYS A 684 -29.28 33.10 -8.44
N SER A 685 -30.23 32.68 -9.29
CA SER A 685 -31.57 33.27 -9.27
C SER A 685 -32.56 32.30 -9.89
N ASP A 686 -33.41 31.69 -9.06
CA ASP A 686 -34.49 30.85 -9.57
C ASP A 686 -35.81 31.31 -8.95
N GLY A 687 -35.85 32.56 -8.50
CA GLY A 687 -36.99 33.19 -7.87
C GLY A 687 -37.40 32.46 -6.60
N PHE A 688 -38.70 32.48 -6.33
CA PHE A 688 -39.26 31.59 -5.34
C PHE A 688 -39.45 30.20 -5.93
N ALA A 689 -39.75 29.23 -5.06
CA ALA A 689 -39.76 27.80 -5.40
C ALA A 689 -38.41 27.37 -5.97
N ASN A 690 -37.34 27.70 -5.24
CA ASN A 690 -35.96 27.47 -5.66
C ASN A 690 -35.67 25.98 -5.87
N ARG A 691 -34.88 25.68 -6.91
CA ARG A 691 -34.42 24.34 -7.21
C ARG A 691 -32.91 24.25 -7.06
N ASN A 692 -32.44 23.22 -6.35
CA ASN A 692 -31.01 22.98 -6.19
C ASN A 692 -30.44 22.22 -7.40
N PHE A 693 -29.10 22.13 -7.44
CA PHE A 693 -28.37 21.53 -8.55
C PHE A 693 -28.81 20.10 -8.83
N MET A 694 -28.85 19.28 -7.79
CA MET A 694 -29.21 17.87 -7.94
C MET A 694 -30.64 17.72 -8.45
N GLN A 695 -31.57 18.48 -7.87
CA GLN A 695 -32.95 18.46 -8.33
C GLN A 695 -33.08 18.96 -9.77
N LEU A 696 -32.25 19.93 -10.16
CA LEU A 696 -32.26 20.40 -11.55
C LEU A 696 -31.81 19.31 -12.51
N ILE A 697 -30.68 18.67 -12.23
CA ILE A 697 -30.18 17.66 -13.16
C ILE A 697 -30.94 16.35 -13.08
N HIS A 698 -31.67 16.09 -12.00
CA HIS A 698 -32.54 14.92 -11.95
C HIS A 698 -33.85 15.11 -12.73
N ASP A 699 -34.19 16.34 -13.08
CA ASP A 699 -35.44 16.63 -13.77
C ASP A 699 -35.26 16.44 -15.27
N ASP A 700 -36.30 15.94 -15.93
CA ASP A 700 -36.31 15.79 -17.37
C ASP A 700 -37.18 16.83 -18.06
N SER A 701 -38.19 17.37 -17.37
CA SER A 701 -38.94 18.50 -17.90
C SER A 701 -38.05 19.72 -18.12
N LEU A 702 -37.01 19.85 -17.32
CA LEU A 702 -35.88 20.72 -17.65
C LEU A 702 -34.81 19.89 -18.32
N THR A 703 -34.25 20.42 -19.42
CA THR A 703 -33.47 19.62 -20.35
C THR A 703 -32.05 19.43 -19.83
N PHE A 704 -31.91 18.59 -18.81
CA PHE A 704 -30.59 18.22 -18.32
C PHE A 704 -30.40 16.71 -18.31
N LYS A 705 -31.44 15.98 -17.88
CA LYS A 705 -31.33 14.54 -17.68
C LYS A 705 -31.08 13.80 -19.00
N GLU A 706 -31.79 14.18 -20.06
CA GLU A 706 -31.62 13.52 -21.34
C GLU A 706 -30.25 13.79 -21.93
N ASP A 707 -29.73 15.01 -21.73
CA ASP A 707 -28.38 15.33 -22.20
C ASP A 707 -27.33 14.55 -21.42
N ILE A 708 -27.53 14.38 -20.10
CA ILE A 708 -26.62 13.57 -19.30
C ILE A 708 -26.62 12.12 -19.76
N GLN A 709 -27.83 11.59 -20.03
CA GLN A 709 -27.94 10.23 -20.54
C GLN A 709 -27.30 10.08 -21.91
N LYS A 710 -27.41 11.10 -22.76
CA LYS A 710 -26.72 11.09 -24.05
C LYS A 710 -25.21 11.14 -23.88
N ALA A 711 -24.72 11.81 -22.83
CA ALA A 711 -23.28 11.94 -22.62
C ALA A 711 -22.60 10.63 -22.27
N GLN A 712 -23.36 9.61 -21.83
CA GLN A 712 -22.78 8.32 -21.46
C GLN A 712 -22.29 7.57 -22.68
N ASP A 718 -16.75 -0.68 -23.41
CA ASP A 718 -17.88 -1.54 -23.14
C ASP A 718 -17.39 -2.97 -22.90
N SER A 719 -16.84 -3.21 -21.71
CA SER A 719 -16.34 -4.52 -21.34
C SER A 719 -16.36 -4.66 -19.83
N LEU A 720 -16.59 -5.89 -19.36
CA LEU A 720 -16.51 -6.18 -17.93
C LEU A 720 -15.13 -5.90 -17.36
N HIS A 721 -14.08 -6.22 -18.11
CA HIS A 721 -12.72 -6.13 -17.59
C HIS A 721 -12.21 -4.70 -17.46
N GLU A 722 -12.90 -3.72 -18.06
CA GLU A 722 -12.59 -2.32 -17.78
C GLU A 722 -13.59 -1.73 -16.78
N HIS A 723 -14.84 -2.18 -16.85
CA HIS A 723 -15.87 -1.79 -15.88
C HIS A 723 -15.48 -2.22 -14.48
N ILE A 724 -14.63 -3.26 -14.39
CA ILE A 724 -14.06 -3.69 -13.12
C ILE A 724 -13.01 -2.72 -12.58
N ALA A 725 -12.38 -1.93 -13.45
CA ALA A 725 -11.22 -1.15 -13.05
C ALA A 725 -11.55 0.32 -12.82
N ASN A 726 -12.28 0.94 -13.76
CA ASN A 726 -12.64 2.33 -13.63
C ASN A 726 -13.70 2.57 -12.55
N LEU A 727 -14.39 1.53 -12.11
CA LEU A 727 -14.89 1.54 -10.74
C LEU A 727 -13.69 1.33 -9.85
N ALA A 728 -13.23 2.42 -9.24
CA ALA A 728 -11.87 2.49 -8.74
C ALA A 728 -11.68 1.63 -7.50
N GLY A 729 -10.45 1.19 -7.32
CA GLY A 729 -10.06 0.42 -6.16
C GLY A 729 -8.81 -0.39 -6.45
N SER A 730 -8.36 -1.10 -5.42
CA SER A 730 -7.17 -1.92 -5.53
C SER A 730 -7.43 -3.10 -6.47
N PRO A 731 -6.40 -3.64 -7.14
CA PRO A 731 -6.59 -4.89 -7.90
C PRO A 731 -7.01 -6.10 -7.05
N ALA A 732 -7.09 -5.98 -5.72
CA ALA A 732 -7.68 -7.03 -4.90
C ALA A 732 -9.19 -7.14 -5.07
N ILE A 733 -9.86 -6.11 -5.59
CA ILE A 733 -11.31 -6.21 -5.79
C ILE A 733 -11.64 -7.11 -6.96
N LYS A 734 -10.71 -7.22 -7.91
CA LYS A 734 -10.99 -7.87 -9.18
C LYS A 734 -11.23 -9.36 -8.99
N LYS A 735 -10.47 -9.99 -8.09
CA LYS A 735 -10.65 -11.42 -7.82
C LYS A 735 -12.04 -11.71 -7.27
N GLY A 736 -12.43 -11.02 -6.19
CA GLY A 736 -13.72 -11.29 -5.58
C GLY A 736 -14.88 -11.01 -6.52
N ILE A 737 -14.87 -9.84 -7.17
CA ILE A 737 -15.99 -9.46 -8.04
C ILE A 737 -16.06 -10.40 -9.23
N LEU A 738 -14.92 -10.59 -9.92
CA LEU A 738 -14.91 -11.33 -11.17
C LEU A 738 -15.18 -12.81 -10.95
N GLN A 739 -14.65 -13.40 -9.88
CA GLN A 739 -15.00 -14.79 -9.58
C GLN A 739 -16.48 -14.91 -9.26
N THR A 740 -17.07 -13.93 -8.57
CA THR A 740 -18.51 -13.97 -8.34
C THR A 740 -19.30 -13.90 -9.65
N VAL A 741 -18.85 -13.06 -10.58
CA VAL A 741 -19.55 -12.92 -11.86
C VAL A 741 -19.44 -14.20 -12.69
N LYS A 742 -18.26 -14.81 -12.73
CA LYS A 742 -18.10 -16.05 -13.47
C LYS A 742 -18.87 -17.20 -12.83
N VAL A 743 -18.97 -17.20 -11.49
CA VAL A 743 -19.79 -18.18 -10.81
C VAL A 743 -21.26 -18.01 -11.19
N VAL A 744 -21.74 -16.76 -11.26
CA VAL A 744 -23.12 -16.52 -11.65
C VAL A 744 -23.37 -16.95 -13.10
N ASP A 745 -22.42 -16.66 -13.99
CA ASP A 745 -22.55 -17.05 -15.38
C ASP A 745 -22.63 -18.56 -15.54
N GLU A 746 -21.72 -19.29 -14.88
CA GLU A 746 -21.75 -20.74 -15.01
C GLU A 746 -22.95 -21.35 -14.29
N LEU A 747 -23.40 -20.74 -13.20
CA LEU A 747 -24.60 -21.24 -12.53
C LEU A 747 -25.84 -21.06 -13.40
N VAL A 748 -25.90 -19.96 -14.14
CA VAL A 748 -26.98 -19.78 -15.12
C VAL A 748 -26.87 -20.84 -16.21
N LYS A 749 -25.65 -21.12 -16.67
CA LYS A 749 -25.44 -22.16 -17.68
C LYS A 749 -25.87 -23.54 -17.17
N VAL A 750 -25.66 -23.80 -15.87
CA VAL A 750 -26.00 -25.10 -15.28
C VAL A 750 -27.49 -25.33 -15.31
N MET A 751 -28.28 -24.30 -14.98
CA MET A 751 -29.72 -24.42 -14.90
C MET A 751 -30.42 -24.35 -16.26
N GLY A 752 -29.70 -24.60 -17.35
CA GLY A 752 -30.30 -24.57 -18.68
C GLY A 752 -30.62 -23.19 -19.18
N ARG A 753 -29.76 -22.21 -18.89
CA ARG A 753 -29.83 -20.83 -19.36
C ARG A 753 -31.03 -20.07 -18.82
N HIS A 754 -31.83 -20.69 -17.94
CA HIS A 754 -32.96 -20.00 -17.34
C HIS A 754 -32.46 -19.10 -16.22
N LYS A 755 -32.74 -17.83 -16.32
CA LYS A 755 -32.23 -16.83 -15.40
C LYS A 755 -32.97 -16.91 -14.06
N PRO A 756 -32.28 -16.60 -12.96
CA PRO A 756 -32.94 -16.64 -11.66
C PRO A 756 -33.93 -15.49 -11.51
N GLU A 757 -34.77 -15.59 -10.49
CA GLU A 757 -35.66 -14.49 -10.15
C GLU A 757 -35.11 -13.64 -9.02
N ASN A 758 -34.10 -14.12 -8.29
CA ASN A 758 -33.39 -13.30 -7.32
C ASN A 758 -31.92 -13.65 -7.33
N ILE A 759 -31.08 -12.67 -6.99
CA ILE A 759 -29.70 -12.88 -6.62
C ILE A 759 -29.47 -12.10 -5.32
N VAL A 760 -28.92 -12.78 -4.32
CA VAL A 760 -28.82 -12.22 -2.97
C VAL A 760 -27.36 -12.03 -2.62
N ILE A 761 -27.02 -10.81 -2.20
CA ILE A 761 -25.63 -10.37 -2.02
C ILE A 761 -25.42 -10.01 -0.56
N GLU A 762 -24.38 -10.57 0.04
CA GLU A 762 -23.88 -10.08 1.32
C GLU A 762 -23.18 -8.74 1.10
N MET A 763 -23.45 -7.75 1.96
CA MET A 763 -22.93 -6.41 1.77
C MET A 763 -21.93 -5.95 2.83
N ALA A 764 -21.90 -6.60 3.99
CA ALA A 764 -20.98 -6.32 5.09
C ALA A 764 -21.06 -4.89 5.64
N ARG A 765 -22.14 -4.16 5.35
CA ARG A 765 -22.33 -2.86 5.97
C ARG A 765 -23.10 -3.00 7.29
N GLU A 766 -22.91 -2.00 8.16
CA GLU A 766 -23.56 -1.99 9.47
C GLU A 766 -24.96 -1.38 9.38
N LYS A 918 -8.42 -2.78 9.19
CA LYS A 918 -9.11 -3.89 8.54
C LYS A 918 -9.10 -3.74 7.03
N ARG A 919 -8.01 -4.16 6.39
CA ARG A 919 -7.98 -4.19 4.94
C ARG A 919 -8.96 -5.22 4.39
N GLN A 920 -9.15 -6.34 5.12
CA GLN A 920 -10.09 -7.36 4.67
C GLN A 920 -11.51 -6.81 4.59
N LEU A 921 -11.96 -6.07 5.60
CA LEU A 921 -13.34 -5.60 5.62
C LEU A 921 -13.56 -4.49 4.60
N VAL A 922 -12.62 -3.54 4.48
CA VAL A 922 -12.82 -2.44 3.54
C VAL A 922 -12.71 -2.92 2.09
N GLU A 923 -11.77 -3.83 1.81
CA GLU A 923 -11.76 -4.47 0.49
C GLU A 923 -13.02 -5.29 0.27
N THR A 924 -13.52 -5.97 1.31
CA THR A 924 -14.74 -6.76 1.17
C THR A 924 -15.93 -5.87 0.80
N ARG A 925 -16.06 -4.73 1.46
CA ARG A 925 -17.14 -3.80 1.13
C ARG A 925 -16.98 -3.25 -0.28
N GLN A 926 -15.75 -3.05 -0.74
CA GLN A 926 -15.57 -2.66 -2.14
C GLN A 926 -15.88 -3.83 -3.08
N ILE A 927 -15.62 -5.06 -2.63
CA ILE A 927 -15.92 -6.31 -3.34
C ILE A 927 -17.41 -6.66 -3.27
N THR A 928 -18.20 -5.89 -2.51
CA THR A 928 -19.64 -6.08 -2.52
C THR A 928 -20.41 -4.92 -3.14
N LYS A 929 -19.86 -3.70 -3.08
CA LYS A 929 -20.55 -2.53 -3.63
C LYS A 929 -20.78 -2.67 -5.13
N HIS A 930 -19.77 -3.12 -5.86
CA HIS A 930 -19.86 -3.24 -7.31
C HIS A 930 -20.76 -4.39 -7.76
N VAL A 931 -21.08 -5.33 -6.87
CA VAL A 931 -21.73 -6.58 -7.27
C VAL A 931 -23.13 -6.31 -7.82
N ALA A 932 -23.91 -5.49 -7.11
CA ALA A 932 -25.28 -5.22 -7.53
C ALA A 932 -25.30 -4.54 -8.90
N GLN A 933 -24.40 -3.58 -9.10
CA GLN A 933 -24.31 -2.89 -10.39
C GLN A 933 -23.96 -3.85 -11.52
N ILE A 934 -22.89 -4.64 -11.35
CA ILE A 934 -22.44 -5.50 -12.45
C ILE A 934 -23.45 -6.61 -12.72
N LEU A 935 -23.96 -7.26 -11.68
CA LEU A 935 -24.90 -8.36 -11.89
C LEU A 935 -26.23 -7.87 -12.48
N ASP A 936 -26.71 -6.71 -12.02
CA ASP A 936 -27.94 -6.17 -12.59
C ASP A 936 -27.74 -5.75 -14.04
N SER A 937 -26.60 -5.15 -14.36
CA SER A 937 -26.34 -4.71 -15.72
C SER A 937 -26.12 -5.89 -16.66
N ARG A 938 -25.56 -6.98 -16.16
CA ARG A 938 -25.31 -8.16 -16.98
C ARG A 938 -26.56 -9.02 -17.13
N MET A 939 -27.36 -9.12 -16.07
CA MET A 939 -28.49 -10.03 -16.04
C MET A 939 -29.67 -9.45 -16.80
N ASN A 940 -30.15 -8.28 -16.37
CA ASN A 940 -31.25 -7.59 -17.02
C ASN A 940 -30.70 -6.80 -18.21
N THR A 941 -30.99 -7.27 -19.43
CA THR A 941 -30.49 -6.60 -20.62
C THR A 941 -31.52 -6.38 -21.71
N LYS A 942 -32.67 -7.04 -21.67
CA LYS A 942 -33.69 -6.89 -22.70
C LYS A 942 -34.78 -5.94 -22.22
N TYR A 943 -35.28 -5.10 -23.13
CA TYR A 943 -36.24 -4.07 -22.78
C TYR A 943 -37.18 -3.83 -23.95
N ASP A 944 -38.01 -2.80 -23.82
CA ASP A 944 -39.04 -2.48 -24.80
C ASP A 944 -39.04 -0.98 -25.11
N GLU A 945 -40.09 -0.52 -25.78
CA GLU A 945 -40.28 0.91 -26.02
C GLU A 945 -41.00 1.61 -24.88
N ASN A 946 -41.75 0.88 -24.06
CA ASN A 946 -42.45 1.50 -22.94
C ASN A 946 -41.53 1.67 -21.73
N ASP A 947 -40.62 0.73 -21.52
CA ASP A 947 -39.66 0.80 -20.43
C ASP A 947 -38.30 0.37 -20.97
N LYS A 948 -37.25 1.06 -20.55
CA LYS A 948 -35.91 0.82 -21.07
C LYS A 948 -35.11 -0.18 -20.23
N LEU A 949 -35.75 -0.83 -19.26
CA LEU A 949 -35.24 -2.09 -18.73
C LEU A 949 -36.40 -2.84 -18.10
N ILE A 950 -36.56 -4.10 -18.49
CA ILE A 950 -37.57 -4.98 -17.88
C ILE A 950 -36.87 -5.71 -16.74
N ARG A 951 -37.19 -5.28 -15.51
CA ARG A 951 -36.63 -5.93 -14.33
C ARG A 951 -37.07 -7.38 -14.25
N GLU A 952 -36.11 -8.29 -14.40
CA GLU A 952 -36.39 -9.72 -14.36
C GLU A 952 -35.60 -10.44 -13.28
N VAL A 953 -34.41 -9.95 -12.92
CA VAL A 953 -33.55 -10.57 -11.91
C VAL A 953 -33.37 -9.52 -10.80
N LYS A 954 -34.19 -9.60 -9.75
CA LYS A 954 -34.11 -8.66 -8.64
C LYS A 954 -32.91 -8.98 -7.79
N VAL A 955 -31.88 -8.12 -7.84
CA VAL A 955 -30.67 -8.31 -7.07
C VAL A 955 -30.88 -7.74 -5.68
N ILE A 956 -30.94 -8.62 -4.67
CA ILE A 956 -31.18 -8.22 -3.29
C ILE A 956 -29.85 -7.96 -2.59
N THR A 957 -29.79 -6.89 -1.80
CA THR A 957 -28.66 -6.58 -0.95
C THR A 957 -29.04 -6.84 0.51
N LEU A 958 -28.21 -7.62 1.21
CA LEU A 958 -28.42 -7.88 2.63
C LEU A 958 -27.22 -7.47 3.45
N LYS A 959 -27.48 -6.96 4.66
CA LYS A 959 -26.44 -6.73 5.64
C LYS A 959 -26.14 -8.02 6.40
N SER A 960 -24.90 -8.15 6.86
CA SER A 960 -24.46 -9.38 7.51
C SER A 960 -25.20 -9.64 8.83
N LYS A 961 -25.68 -8.57 9.48
CA LYS A 961 -26.38 -8.70 10.76
C LYS A 961 -27.63 -9.58 10.64
N LEU A 962 -28.30 -9.54 9.49
CA LEU A 962 -29.52 -10.32 9.29
C LEU A 962 -29.24 -11.81 9.39
N VAL A 963 -28.27 -12.30 8.60
CA VAL A 963 -27.97 -13.73 8.61
C VAL A 963 -27.21 -14.13 9.86
N SER A 964 -26.49 -13.19 10.48
CA SER A 964 -25.85 -13.51 11.76
C SER A 964 -26.89 -13.73 12.85
N ASP A 965 -27.92 -12.89 12.90
CA ASP A 965 -28.99 -13.09 13.87
C ASP A 965 -29.82 -14.33 13.52
N PHE A 966 -29.95 -14.64 12.24
CA PHE A 966 -30.65 -15.86 11.84
C PHE A 966 -29.89 -17.10 12.31
N ARG A 967 -28.56 -17.08 12.20
CA ARG A 967 -27.74 -18.15 12.75
C ARG A 967 -27.90 -18.26 14.27
N LYS A 968 -27.70 -17.15 14.98
CA LYS A 968 -27.69 -17.22 16.44
C LYS A 968 -29.08 -17.27 17.07
N ASP A 969 -30.16 -17.21 16.29
CA ASP A 969 -31.50 -17.24 16.86
C ASP A 969 -32.24 -18.56 16.67
N PHE A 970 -31.75 -19.45 15.81
CA PHE A 970 -32.42 -20.73 15.59
C PHE A 970 -31.42 -21.88 15.53
N GLN A 971 -30.33 -21.78 16.30
CA GLN A 971 -29.38 -22.86 16.55
C GLN A 971 -28.68 -23.33 15.27
N PHE A 972 -28.53 -22.42 14.31
CA PHE A 972 -27.72 -22.73 13.14
C PHE A 972 -26.33 -22.10 13.29
N TYR A 973 -25.57 -22.53 14.29
CA TYR A 973 -24.32 -21.85 14.59
C TYR A 973 -23.23 -22.28 13.61
N LYS A 974 -22.35 -21.34 13.27
CA LYS A 974 -21.19 -21.63 12.45
C LYS A 974 -19.94 -21.70 13.32
N VAL A 975 -19.05 -22.63 12.99
CA VAL A 975 -17.73 -22.72 13.59
C VAL A 975 -16.76 -22.73 12.43
N ARG A 976 -16.01 -21.64 12.27
CA ARG A 976 -15.14 -21.46 11.11
C ARG A 976 -13.97 -22.44 11.09
N GLU A 977 -13.69 -23.12 12.20
CA GLU A 977 -12.51 -23.96 12.29
C GLU A 977 -12.71 -25.36 11.71
N ILE A 978 -13.95 -25.80 11.56
CA ILE A 978 -14.20 -27.21 11.23
C ILE A 978 -13.91 -27.47 9.75
N ASN A 979 -14.57 -26.75 8.86
CA ASN A 979 -14.46 -26.99 7.43
C ASN A 979 -14.84 -25.73 6.68
N ASN A 980 -14.55 -25.74 5.38
CA ASN A 980 -14.89 -24.61 4.52
C ASN A 980 -16.34 -24.63 4.04
N TYR A 981 -17.18 -25.50 4.61
CA TYR A 981 -18.60 -25.51 4.28
C TYR A 981 -19.34 -24.29 4.78
N HIS A 982 -18.74 -23.51 5.70
CA HIS A 982 -19.46 -22.38 6.27
C HIS A 982 -19.70 -21.28 5.24
N HIS A 983 -18.84 -21.16 4.24
CA HIS A 983 -19.07 -20.22 3.14
C HIS A 983 -20.34 -20.56 2.36
N ALA A 984 -20.44 -21.81 1.91
CA ALA A 984 -21.61 -22.25 1.18
C ALA A 984 -22.87 -22.19 2.03
N HIS A 985 -22.75 -22.55 3.31
CA HIS A 985 -23.89 -22.47 4.21
C HIS A 985 -24.33 -21.03 4.43
N ASP A 986 -23.37 -20.11 4.54
CA ASP A 986 -23.69 -18.69 4.67
C ASP A 986 -24.41 -18.19 3.42
N ALA A 987 -23.94 -18.61 2.24
CA ALA A 987 -24.60 -18.27 0.98
C ALA A 987 -26.04 -18.74 0.94
N TYR A 988 -26.26 -20.01 1.33
CA TYR A 988 -27.61 -20.57 1.40
C TYR A 988 -28.48 -19.78 2.36
N LEU A 989 -27.92 -19.41 3.52
CA LEU A 989 -28.66 -18.61 4.48
C LEU A 989 -29.02 -17.25 3.92
N ASN A 990 -28.08 -16.60 3.21
CA ASN A 990 -28.37 -15.34 2.54
C ASN A 990 -29.53 -15.47 1.59
N ALA A 991 -29.53 -16.52 0.77
CA ALA A 991 -30.62 -16.70 -0.20
C ALA A 991 -31.95 -16.92 0.48
N VAL A 992 -31.99 -17.75 1.53
CA VAL A 992 -33.28 -18.07 2.13
C VAL A 992 -33.85 -16.87 2.89
N VAL A 993 -33.02 -16.15 3.66
CA VAL A 993 -33.59 -15.03 4.39
C VAL A 993 -33.91 -13.88 3.43
N GLY A 994 -33.14 -13.69 2.36
CA GLY A 994 -33.45 -12.67 1.37
C GLY A 994 -34.78 -12.86 0.67
N THR A 995 -34.98 -14.05 0.08
CA THR A 995 -36.26 -14.31 -0.58
C THR A 995 -37.41 -14.35 0.43
N ALA A 996 -37.21 -14.98 1.60
CA ALA A 996 -38.25 -15.03 2.61
C ALA A 996 -38.56 -13.66 3.21
N LEU A 997 -37.66 -12.69 3.08
CA LEU A 997 -37.87 -11.34 3.53
C LEU A 997 -38.65 -10.53 2.51
N ILE A 998 -38.27 -10.61 1.23
CA ILE A 998 -38.98 -9.78 0.27
C ILE A 998 -40.33 -10.39 -0.12
N LYS A 999 -40.55 -11.69 0.07
CA LYS A 999 -41.89 -12.21 -0.17
C LYS A 999 -42.85 -11.87 0.96
N LYS A 1000 -42.34 -11.71 2.19
CA LYS A 1000 -43.18 -11.24 3.29
C LYS A 1000 -43.52 -9.77 3.14
N TYR A 1001 -42.59 -8.95 2.65
CA TYR A 1001 -42.81 -7.51 2.52
C TYR A 1001 -42.55 -7.05 1.09
N PRO A 1002 -43.47 -7.36 0.16
CA PRO A 1002 -43.25 -6.98 -1.24
C PRO A 1002 -43.16 -5.48 -1.49
N LYS A 1003 -43.89 -4.66 -0.72
CA LYS A 1003 -43.87 -3.22 -0.96
C LYS A 1003 -42.51 -2.59 -0.61
N LEU A 1004 -41.65 -3.32 0.09
CA LEU A 1004 -40.31 -2.85 0.43
C LEU A 1004 -39.22 -3.35 -0.52
N GLU A 1005 -39.56 -3.65 -1.78
CA GLU A 1005 -38.51 -3.96 -2.76
C GLU A 1005 -37.55 -2.80 -2.95
N SER A 1006 -38.08 -1.58 -3.02
CA SER A 1006 -37.27 -0.40 -3.32
C SER A 1006 -36.29 -0.03 -2.20
N GLU A 1007 -36.33 -0.77 -1.09
CA GLU A 1007 -35.38 -0.58 0.01
C GLU A 1007 -34.18 -1.50 -0.08
N PHE A 1008 -34.35 -2.70 -0.62
CA PHE A 1008 -33.28 -3.69 -0.73
C PHE A 1008 -32.90 -3.99 -2.17
N VAL A 1009 -33.89 -4.30 -3.02
CA VAL A 1009 -33.63 -4.65 -4.41
C VAL A 1009 -33.01 -3.46 -5.14
N TYR A 1010 -31.92 -3.72 -5.87
CA TYR A 1010 -31.17 -2.69 -6.58
C TYR A 1010 -32.00 -2.00 -7.66
N LYS A 1031 -32.23 9.37 13.08
CA LYS A 1031 -32.49 8.66 11.83
C LYS A 1031 -31.79 7.31 11.83
N ALA A 1032 -30.52 7.32 12.24
CA ALA A 1032 -29.74 6.08 12.33
C ALA A 1032 -30.33 5.14 13.37
N THR A 1033 -30.77 5.68 14.52
CA THR A 1033 -31.40 4.85 15.53
C THR A 1033 -32.75 4.33 15.07
N ALA A 1034 -33.50 5.13 14.29
CA ALA A 1034 -34.77 4.68 13.75
C ALA A 1034 -34.58 3.52 12.77
N LYS A 1035 -33.59 3.65 11.87
CA LYS A 1035 -33.30 2.56 10.95
C LYS A 1035 -32.75 1.33 11.68
N TYR A 1036 -31.99 1.55 12.77
CA TYR A 1036 -31.51 0.44 13.59
C TYR A 1036 -32.66 -0.30 14.25
N PHE A 1037 -33.65 0.42 14.76
CA PHE A 1037 -34.82 -0.21 15.36
C PHE A 1037 -35.66 -0.93 14.31
N PHE A 1038 -35.76 -0.35 13.12
CA PHE A 1038 -36.42 -1.01 11.99
C PHE A 1038 -35.77 -2.35 11.66
N TYR A 1039 -34.45 -2.34 11.52
CA TYR A 1039 -33.71 -3.56 11.20
C TYR A 1039 -33.72 -4.55 12.36
N SER A 1040 -33.87 -4.06 13.59
CA SER A 1040 -33.97 -4.96 14.74
C SER A 1040 -35.33 -5.64 14.80
N ASN A 1041 -36.40 -4.91 14.49
CA ASN A 1041 -37.74 -5.44 14.65
C ASN A 1041 -38.31 -6.07 13.39
N ILE A 1042 -37.60 -6.02 12.25
CA ILE A 1042 -38.12 -6.71 11.07
C ILE A 1042 -38.03 -8.24 11.23
N MET A 1043 -37.02 -8.73 11.95
CA MET A 1043 -36.66 -10.15 11.92
C MET A 1043 -37.60 -11.06 12.70
N ASN A 1044 -38.42 -10.51 13.60
CA ASN A 1044 -39.14 -11.35 14.56
C ASN A 1044 -40.22 -12.23 13.92
N PHE A 1045 -40.59 -11.97 12.67
CA PHE A 1045 -41.62 -12.76 12.01
C PHE A 1045 -41.23 -14.21 11.76
N PHE A 1046 -39.94 -14.54 11.81
CA PHE A 1046 -39.56 -15.96 11.85
C PHE A 1046 -39.93 -16.60 13.17
N LYS A 1047 -39.78 -15.87 14.27
CA LYS A 1047 -39.92 -16.46 15.60
C LYS A 1047 -41.38 -16.80 15.90
N THR A 1048 -41.63 -18.05 16.30
CA THR A 1048 -42.97 -18.46 16.70
C THR A 1048 -43.45 -17.69 17.91
N GLU A 1049 -42.53 -17.37 18.83
CA GLU A 1049 -42.84 -16.55 20.00
C GLU A 1049 -42.05 -15.25 19.88
N ILE A 1050 -42.76 -14.13 20.04
CA ILE A 1050 -42.16 -12.80 19.99
C ILE A 1050 -42.22 -12.19 21.37
N THR A 1051 -41.07 -11.73 21.87
CA THR A 1051 -40.98 -11.02 23.14
C THR A 1051 -40.54 -9.58 22.88
N LEU A 1052 -41.33 -8.63 23.37
CA LEU A 1052 -40.99 -7.21 23.26
C LEU A 1052 -39.92 -6.84 24.29
N ALA A 1053 -39.67 -5.54 24.42
CA ALA A 1053 -38.83 -5.05 25.50
C ALA A 1053 -39.66 -4.85 26.77
N ASN A 1054 -40.40 -5.88 27.17
CA ASN A 1054 -41.22 -5.84 28.37
C ASN A 1054 -41.18 -7.15 29.15
N GLY A 1055 -40.45 -8.16 28.68
CA GLY A 1055 -40.43 -9.46 29.34
C GLY A 1055 -41.74 -10.21 29.26
N GLU A 1056 -42.54 -9.96 28.23
CA GLU A 1056 -43.84 -10.61 28.08
C GLU A 1056 -44.01 -11.13 26.66
N ILE A 1057 -45.09 -11.89 26.47
CA ILE A 1057 -45.20 -12.84 25.36
C ILE A 1057 -46.26 -12.37 24.38
N ARG A 1058 -46.00 -12.62 23.09
CA ARG A 1058 -47.08 -12.65 22.10
C ARG A 1058 -46.77 -13.77 21.11
N LYS A 1059 -47.81 -14.23 20.43
CA LYS A 1059 -47.73 -15.38 19.54
C LYS A 1059 -47.99 -14.98 18.10
N ARG A 1060 -47.29 -15.67 17.19
CA ARG A 1060 -47.39 -15.47 15.75
C ARG A 1060 -47.62 -16.83 15.11
N PRO A 1061 -48.53 -16.93 14.14
CA PRO A 1061 -48.88 -18.23 13.56
C PRO A 1061 -47.72 -18.89 12.82
N LEU A 1062 -47.82 -20.21 12.68
CA LEU A 1062 -46.76 -21.00 12.04
C LEU A 1062 -46.61 -20.63 10.58
N ILE A 1063 -47.72 -20.49 9.86
CA ILE A 1063 -47.69 -20.09 8.46
C ILE A 1063 -47.55 -18.58 8.38
N GLU A 1064 -46.54 -18.12 7.66
CA GLU A 1064 -46.43 -16.71 7.33
C GLU A 1064 -47.01 -16.48 5.95
N THR A 1065 -47.73 -15.37 5.80
CA THR A 1065 -48.38 -15.05 4.54
C THR A 1065 -48.10 -13.60 4.17
N ASN A 1066 -48.13 -13.33 2.86
CA ASN A 1066 -47.82 -12.01 2.35
C ASN A 1066 -48.87 -11.01 2.82
N GLY A 1067 -50.14 -11.40 2.81
CA GLY A 1067 -51.20 -10.55 3.29
C GLY A 1067 -51.80 -9.67 2.22
N GLU A 1068 -50.95 -9.08 1.37
CA GLU A 1068 -51.44 -8.43 0.16
C GLU A 1068 -52.00 -9.46 -0.81
N THR A 1069 -51.48 -10.69 -0.75
CA THR A 1069 -52.03 -11.85 -1.42
C THR A 1069 -51.71 -13.04 -0.52
N GLY A 1070 -52.65 -13.99 -0.44
CA GLY A 1070 -52.57 -15.05 0.56
C GLY A 1070 -51.50 -16.12 0.36
N GLU A 1071 -50.46 -15.83 -0.42
CA GLU A 1071 -49.43 -16.82 -0.69
C GLU A 1071 -48.55 -17.01 0.54
N ILE A 1072 -48.23 -18.27 0.85
CA ILE A 1072 -47.44 -18.59 2.03
C ILE A 1072 -45.97 -18.26 1.77
N VAL A 1073 -45.35 -17.53 2.68
CA VAL A 1073 -43.97 -17.09 2.49
C VAL A 1073 -42.99 -17.70 3.49
N TRP A 1074 -43.43 -18.17 4.64
CA TRP A 1074 -42.58 -18.92 5.56
C TRP A 1074 -43.49 -19.86 6.35
N ASP A 1075 -42.97 -21.05 6.64
CA ASP A 1075 -43.79 -22.10 7.27
C ASP A 1075 -42.96 -22.71 8.39
N LYS A 1076 -43.13 -22.18 9.59
CA LYS A 1076 -42.44 -22.66 10.78
C LYS A 1076 -42.75 -24.13 11.02
N GLY A 1077 -41.71 -24.96 11.02
CA GLY A 1077 -41.90 -26.38 10.91
C GLY A 1077 -41.09 -26.97 9.78
N ARG A 1078 -41.74 -27.21 8.63
CA ARG A 1078 -41.06 -27.80 7.48
C ARG A 1078 -39.92 -26.93 6.94
N ASP A 1079 -39.96 -25.61 7.17
CA ASP A 1079 -38.89 -24.76 6.68
C ASP A 1079 -37.63 -24.92 7.53
N PHE A 1080 -37.78 -24.98 8.84
CA PHE A 1080 -36.63 -25.24 9.71
C PHE A 1080 -36.07 -26.63 9.48
N ALA A 1081 -36.95 -27.60 9.19
CA ALA A 1081 -36.52 -28.93 8.80
C ALA A 1081 -35.71 -28.87 7.51
N THR A 1082 -36.17 -28.09 6.54
CA THR A 1082 -35.45 -27.93 5.28
C THR A 1082 -34.08 -27.30 5.50
N VAL A 1083 -34.02 -26.28 6.35
CA VAL A 1083 -32.74 -25.60 6.60
C VAL A 1083 -31.76 -26.53 7.32
N ARG A 1084 -32.24 -27.26 8.33
CA ARG A 1084 -31.38 -28.21 9.03
C ARG A 1084 -30.92 -29.34 8.10
N LYS A 1085 -31.81 -29.79 7.22
CA LYS A 1085 -31.44 -30.82 6.24
C LYS A 1085 -30.36 -30.32 5.30
N VAL A 1086 -30.48 -29.08 4.82
CA VAL A 1086 -29.49 -28.53 3.90
C VAL A 1086 -28.15 -28.30 4.60
N LEU A 1087 -28.19 -27.83 5.84
CA LEU A 1087 -26.94 -27.62 6.57
C LEU A 1087 -26.25 -28.95 6.90
N SER A 1088 -27.01 -30.03 7.01
CA SER A 1088 -26.45 -31.32 7.38
C SER A 1088 -25.93 -32.12 6.18
N MET A 1089 -26.09 -31.61 4.96
CA MET A 1089 -25.65 -32.33 3.76
C MET A 1089 -24.13 -32.52 3.78
N PRO A 1090 -23.65 -33.73 3.47
CA PRO A 1090 -22.21 -34.00 3.51
C PRO A 1090 -21.47 -33.53 2.27
N GLN A 1091 -22.15 -33.46 1.13
CA GLN A 1091 -21.51 -33.15 -0.14
C GLN A 1091 -21.73 -31.68 -0.47
N VAL A 1092 -20.64 -30.91 -0.45
CA VAL A 1092 -20.65 -29.50 -0.83
C VAL A 1092 -19.46 -29.27 -1.74
N ASN A 1093 -19.69 -28.63 -2.89
CA ASN A 1093 -18.65 -28.47 -3.90
C ASN A 1093 -17.67 -27.38 -3.46
N ILE A 1094 -16.57 -27.79 -2.85
CA ILE A 1094 -15.51 -26.87 -2.44
C ILE A 1094 -14.41 -26.94 -3.48
N VAL A 1095 -14.10 -25.80 -4.09
CA VAL A 1095 -13.13 -25.72 -5.17
C VAL A 1095 -12.03 -24.76 -4.76
N LYS A 1096 -10.79 -25.22 -4.82
CA LYS A 1096 -9.63 -24.34 -4.71
C LYS A 1096 -9.22 -23.95 -6.13
N LYS A 1097 -9.25 -22.65 -6.41
CA LYS A 1097 -8.96 -22.17 -7.76
C LYS A 1097 -7.51 -22.40 -8.11
N THR A 1098 -7.28 -23.21 -9.14
CA THR A 1098 -5.91 -23.52 -9.56
C THR A 1098 -5.30 -22.31 -10.23
N GLU A 1099 -4.09 -21.95 -9.82
CA GLU A 1099 -3.43 -20.74 -10.27
C GLU A 1099 -2.01 -21.05 -10.72
N VAL A 1100 -1.63 -20.51 -11.87
CA VAL A 1100 -0.23 -20.49 -12.25
C VAL A 1100 0.45 -19.40 -11.45
N GLN A 1101 1.46 -19.76 -10.66
CA GLN A 1101 2.05 -18.82 -9.72
C GLN A 1101 2.98 -17.85 -10.45
N THR A 1102 2.89 -16.58 -10.06
CA THR A 1102 3.72 -15.52 -10.62
C THR A 1102 4.25 -14.67 -9.48
N GLY A 1103 5.31 -13.93 -9.76
CA GLY A 1103 5.94 -13.14 -8.75
C GLY A 1103 7.46 -13.15 -8.86
N GLY A 1104 8.14 -13.13 -7.73
CA GLY A 1104 9.58 -13.19 -7.74
C GLY A 1104 10.09 -14.51 -8.24
N PHE A 1105 11.26 -14.46 -8.89
CA PHE A 1105 11.91 -15.67 -9.38
C PHE A 1105 12.28 -16.62 -8.24
N SER A 1106 12.67 -16.09 -7.09
CA SER A 1106 13.16 -16.89 -5.98
C SER A 1106 13.21 -15.99 -4.75
N LYS A 1107 13.69 -16.54 -3.64
CA LYS A 1107 13.94 -15.73 -2.45
C LYS A 1107 15.08 -14.76 -2.72
N GLU A 1108 15.06 -13.64 -2.02
CA GLU A 1108 15.90 -12.51 -2.43
C GLU A 1108 17.30 -12.52 -1.86
N SER A 1109 17.56 -13.23 -0.76
CA SER A 1109 18.91 -13.25 -0.20
C SER A 1109 19.86 -14.02 -1.10
N ILE A 1110 21.12 -13.63 -1.09
CA ILE A 1110 22.15 -14.20 -1.95
C ILE A 1110 23.00 -15.13 -1.09
N ARG A 1111 22.83 -16.43 -1.28
CA ARG A 1111 23.53 -17.41 -0.47
C ARG A 1111 25.01 -17.48 -0.89
N PRO A 1112 25.90 -17.82 0.04
CA PRO A 1112 27.32 -17.94 -0.33
C PRO A 1112 27.57 -19.15 -1.21
N LYS A 1113 28.78 -19.20 -1.77
CA LYS A 1113 29.13 -20.24 -2.73
C LYS A 1113 29.18 -21.62 -2.07
N ARG A 1114 28.80 -22.62 -2.86
CA ARG A 1114 28.84 -24.03 -2.45
C ARG A 1114 29.09 -24.89 -3.67
N ASN A 1115 29.57 -26.11 -3.43
CA ASN A 1115 29.64 -27.12 -4.49
C ASN A 1115 28.28 -27.83 -4.57
N SER A 1116 27.29 -27.07 -4.99
CA SER A 1116 25.91 -27.53 -5.04
C SER A 1116 25.27 -27.09 -6.35
N ASP A 1117 24.38 -27.92 -6.88
CA ASP A 1117 23.68 -27.63 -8.12
C ASP A 1117 22.33 -26.96 -7.91
N LYS A 1118 21.93 -26.72 -6.66
CA LYS A 1118 20.66 -26.07 -6.40
C LYS A 1118 20.75 -24.55 -6.48
N LEU A 1119 21.95 -23.98 -6.39
CA LEU A 1119 22.11 -22.54 -6.43
C LEU A 1119 21.78 -21.99 -7.81
N ILE A 1120 21.00 -20.91 -7.84
CA ILE A 1120 20.59 -20.27 -9.08
C ILE A 1120 21.62 -19.20 -9.43
N ALA A 1121 22.10 -19.23 -10.68
CA ALA A 1121 23.10 -18.27 -11.14
C ALA A 1121 22.56 -16.85 -11.09
N ARG A 1122 23.36 -15.94 -10.53
CA ARG A 1122 22.98 -14.53 -10.43
C ARG A 1122 23.08 -13.82 -11.76
N LYS A 1123 23.91 -14.32 -12.66
CA LYS A 1123 24.14 -13.74 -13.96
C LYS A 1123 24.56 -14.89 -14.86
N LYS A 1124 24.49 -14.67 -16.18
CA LYS A 1124 24.68 -15.76 -17.13
C LYS A 1124 26.08 -16.36 -17.03
N ASP A 1125 27.11 -15.53 -16.88
CA ASP A 1125 28.47 -16.04 -16.80
C ASP A 1125 28.90 -16.38 -15.37
N TRP A 1126 28.10 -16.05 -14.36
CA TRP A 1126 28.50 -16.22 -12.96
C TRP A 1126 28.06 -17.59 -12.46
N ASP A 1127 28.97 -18.56 -12.60
CA ASP A 1127 28.77 -19.93 -12.12
C ASP A 1127 28.60 -19.90 -10.60
N PRO A 1128 27.47 -20.36 -10.07
CA PRO A 1128 27.23 -20.25 -8.62
C PRO A 1128 28.15 -21.09 -7.76
N LYS A 1129 28.85 -22.09 -8.32
CA LYS A 1129 29.87 -22.80 -7.55
C LYS A 1129 31.05 -21.90 -7.19
N LYS A 1130 31.24 -20.81 -7.94
CA LYS A 1130 32.29 -19.84 -7.68
C LYS A 1130 31.77 -18.55 -7.09
N TYR A 1131 30.51 -18.19 -7.36
CA TYR A 1131 29.97 -16.88 -7.04
C TYR A 1131 28.76 -16.90 -6.12
N GLY A 1132 28.21 -18.07 -5.81
CA GLY A 1132 27.00 -18.14 -5.02
C GLY A 1132 25.77 -17.75 -5.84
N GLY A 1133 24.63 -17.73 -5.17
CA GLY A 1133 23.40 -17.43 -5.86
C GLY A 1133 22.18 -17.61 -4.96
N PHE A 1134 21.02 -17.49 -5.59
CA PHE A 1134 19.74 -17.54 -4.91
C PHE A 1134 19.28 -18.99 -4.70
N LEU A 1135 18.34 -19.14 -3.79
CA LEU A 1135 17.70 -20.41 -3.49
C LEU A 1135 16.20 -20.19 -3.30
N TRP A 1136 15.50 -21.30 -3.04
CA TRP A 1136 14.05 -21.35 -3.03
C TRP A 1136 13.40 -20.73 -4.27
N PRO A 1137 13.59 -21.31 -5.45
CA PRO A 1137 12.84 -20.82 -6.62
C PRO A 1137 11.37 -21.17 -6.51
N THR A 1138 10.54 -20.32 -7.09
CA THR A 1138 9.10 -20.55 -7.09
C THR A 1138 8.70 -21.23 -8.38
N VAL A 1139 7.96 -22.34 -8.28
CA VAL A 1139 7.48 -23.02 -9.48
C VAL A 1139 6.24 -22.32 -10.00
N ALA A 1140 6.25 -22.00 -11.29
CA ALA A 1140 5.06 -21.44 -11.92
C ALA A 1140 3.94 -22.48 -11.95
N TYR A 1141 4.19 -23.60 -12.62
CA TYR A 1141 3.23 -24.70 -12.68
C TYR A 1141 4.01 -25.98 -12.92
N SER A 1142 3.51 -27.07 -12.38
CA SER A 1142 4.14 -28.36 -12.60
C SER A 1142 3.74 -28.91 -13.97
N VAL A 1143 4.53 -29.88 -14.45
CA VAL A 1143 4.31 -30.48 -15.76
C VAL A 1143 4.55 -31.97 -15.66
N LEU A 1144 3.52 -32.77 -15.94
CA LEU A 1144 3.68 -34.22 -15.99
C LEU A 1144 4.35 -34.61 -17.30
N VAL A 1145 5.51 -35.26 -17.20
CA VAL A 1145 6.23 -35.72 -18.38
C VAL A 1145 6.28 -37.24 -18.33
N VAL A 1146 6.41 -37.84 -19.53
CA VAL A 1146 6.67 -39.26 -19.65
C VAL A 1146 7.65 -39.49 -20.79
N ALA A 1147 8.85 -39.95 -20.46
CA ALA A 1147 9.93 -40.09 -21.43
C ALA A 1147 10.94 -41.07 -20.87
N LYS A 1148 11.97 -41.34 -21.67
CA LYS A 1148 13.10 -42.14 -21.23
C LYS A 1148 14.21 -41.25 -20.70
N VAL A 1149 14.85 -41.70 -19.63
CA VAL A 1149 15.99 -41.01 -19.05
C VAL A 1149 17.14 -42.00 -18.93
N GLU A 1150 18.36 -41.50 -19.09
CA GLU A 1150 19.56 -42.34 -19.12
C GLU A 1150 20.06 -42.50 -17.70
N LYS A 1151 19.49 -43.44 -16.96
CA LYS A 1151 19.94 -43.73 -15.60
C LYS A 1151 20.82 -44.97 -15.59
N GLY A 1152 21.61 -45.09 -14.53
CA GLY A 1152 22.55 -46.19 -14.41
C GLY A 1152 23.87 -45.84 -15.07
N LYS A 1153 24.97 -46.30 -14.47
CA LYS A 1153 26.29 -46.08 -15.06
C LYS A 1153 26.45 -46.85 -16.36
N SER A 1154 25.62 -47.86 -16.58
CA SER A 1154 25.41 -48.43 -17.91
C SER A 1154 24.29 -47.64 -18.57
N LYS A 1155 24.65 -46.64 -19.38
CA LYS A 1155 23.67 -45.74 -19.98
C LYS A 1155 22.75 -46.46 -20.96
N LYS A 1156 21.53 -46.77 -20.51
CA LYS A 1156 20.48 -47.37 -21.32
C LYS A 1156 19.13 -46.84 -20.85
N LEU A 1157 18.17 -46.82 -21.78
CA LEU A 1157 16.93 -46.05 -21.66
C LEU A 1157 15.92 -46.79 -20.81
N LYS A 1158 15.76 -46.36 -19.55
CA LYS A 1158 14.59 -46.74 -18.78
C LYS A 1158 13.47 -45.76 -19.04
N SER A 1159 12.27 -46.27 -19.29
CA SER A 1159 11.10 -45.41 -19.42
C SER A 1159 10.66 -44.93 -18.03
N VAL A 1160 10.41 -43.63 -17.93
CA VAL A 1160 10.05 -43.03 -16.64
C VAL A 1160 8.86 -42.10 -16.86
N LYS A 1161 8.17 -41.80 -15.76
CA LYS A 1161 7.05 -40.86 -15.78
C LYS A 1161 7.07 -40.14 -14.44
N GLU A 1162 7.28 -38.82 -14.46
CA GLU A 1162 7.48 -38.09 -13.22
C GLU A 1162 7.05 -36.65 -13.41
N LEU A 1163 6.76 -36.01 -12.29
CA LEU A 1163 6.42 -34.60 -12.28
C LEU A 1163 7.69 -33.76 -12.42
N LEU A 1164 7.51 -32.51 -12.85
CA LEU A 1164 8.63 -31.60 -12.98
C LEU A 1164 8.15 -30.20 -12.68
N GLY A 1165 8.99 -29.42 -12.00
CA GLY A 1165 8.66 -28.06 -11.62
C GLY A 1165 9.23 -27.08 -12.62
N ILE A 1166 8.35 -26.30 -13.24
CA ILE A 1166 8.73 -25.28 -14.20
C ILE A 1166 8.73 -23.96 -13.42
N THR A 1167 9.90 -23.48 -13.06
CA THR A 1167 10.00 -22.26 -12.28
C THR A 1167 9.68 -21.04 -13.14
N ILE A 1168 9.51 -19.91 -12.46
CA ILE A 1168 9.10 -18.68 -13.13
C ILE A 1168 10.17 -18.19 -14.09
N MET A 1169 11.45 -18.45 -13.79
CA MET A 1169 12.51 -18.17 -14.75
C MET A 1169 12.36 -19.01 -16.00
N GLU A 1170 12.07 -20.30 -15.84
CA GLU A 1170 12.05 -21.21 -16.97
C GLU A 1170 10.73 -21.21 -17.73
N ARG A 1171 9.72 -20.45 -17.27
CA ARG A 1171 8.39 -20.55 -17.86
C ARG A 1171 8.38 -20.09 -19.31
N SER A 1172 9.01 -18.95 -19.60
CA SER A 1172 9.02 -18.43 -20.96
C SER A 1172 9.83 -19.33 -21.89
N SER A 1173 11.00 -19.78 -21.44
CA SER A 1173 11.82 -20.67 -22.25
C SER A 1173 11.19 -22.04 -22.44
N PHE A 1174 10.29 -22.44 -21.53
CA PHE A 1174 9.57 -23.70 -21.69
C PHE A 1174 8.42 -23.55 -22.67
N GLU A 1175 7.58 -22.53 -22.47
CA GLU A 1175 6.46 -22.29 -23.37
C GLU A 1175 6.89 -21.89 -24.77
N LYS A 1176 8.13 -21.43 -24.93
CA LYS A 1176 8.67 -21.22 -26.28
C LYS A 1176 8.77 -22.54 -27.04
N ASN A 1177 9.36 -23.56 -26.41
CA ASN A 1177 9.49 -24.88 -27.02
C ASN A 1177 9.68 -25.93 -25.94
N PRO A 1178 8.63 -26.62 -25.52
CA PRO A 1178 8.76 -27.58 -24.40
C PRO A 1178 9.70 -28.74 -24.68
N ILE A 1179 9.76 -29.23 -25.92
CA ILE A 1179 10.50 -30.45 -26.22
C ILE A 1179 11.99 -30.24 -26.06
N ASP A 1180 12.51 -29.12 -26.58
CA ASP A 1180 13.93 -28.83 -26.46
C ASP A 1180 14.34 -28.55 -25.01
N PHE A 1181 13.47 -27.88 -24.25
CA PHE A 1181 13.76 -27.62 -22.84
C PHE A 1181 13.80 -28.92 -22.04
N LEU A 1182 12.84 -29.82 -22.29
CA LEU A 1182 12.84 -31.10 -21.60
C LEU A 1182 14.03 -31.96 -22.00
N GLU A 1183 14.41 -31.92 -23.29
CA GLU A 1183 15.60 -32.63 -23.74
C GLU A 1183 16.87 -32.04 -23.14
N ALA A 1184 16.88 -30.73 -22.89
CA ALA A 1184 17.98 -30.12 -22.17
C ALA A 1184 17.99 -30.56 -20.71
N LYS A 1185 16.82 -30.87 -20.15
CA LYS A 1185 16.76 -31.45 -18.81
C LYS A 1185 17.17 -32.92 -18.76
N GLY A 1186 17.51 -33.54 -19.88
CA GLY A 1186 18.00 -34.89 -19.92
C GLY A 1186 16.99 -35.90 -20.44
N TYR A 1187 15.71 -35.55 -20.40
CA TYR A 1187 14.66 -36.46 -20.84
C TYR A 1187 14.80 -36.72 -22.34
N LYS A 1188 14.45 -37.93 -22.76
CA LYS A 1188 14.62 -38.33 -24.15
C LYS A 1188 13.39 -39.06 -24.65
N GLU A 1189 13.01 -38.74 -25.90
CA GLU A 1189 11.74 -39.18 -26.52
C GLU A 1189 10.54 -38.79 -25.65
N VAL A 1190 10.39 -37.48 -25.47
CA VAL A 1190 9.26 -36.96 -24.72
C VAL A 1190 7.99 -37.05 -25.57
N LYS A 1191 6.96 -37.69 -25.02
CA LYS A 1191 5.67 -37.76 -25.69
C LYS A 1191 4.99 -36.41 -25.57
N LYS A 1192 4.93 -35.67 -26.69
CA LYS A 1192 4.50 -34.27 -26.65
C LYS A 1192 3.02 -34.13 -26.28
N ASP A 1193 2.17 -35.03 -26.79
CA ASP A 1193 0.74 -34.94 -26.51
C ASP A 1193 0.39 -35.33 -25.09
N LEU A 1194 1.30 -35.98 -24.36
CA LEU A 1194 1.04 -36.43 -23.00
C LEU A 1194 1.43 -35.41 -21.96
N ILE A 1195 2.06 -34.30 -22.35
CA ILE A 1195 2.44 -33.25 -21.41
C ILE A 1195 1.17 -32.63 -20.83
N ILE A 1196 1.06 -32.62 -19.51
CA ILE A 1196 -0.09 -32.05 -18.82
C ILE A 1196 0.41 -30.91 -17.96
N LYS A 1197 -0.09 -29.71 -18.22
CA LYS A 1197 0.26 -28.57 -17.39
C LYS A 1197 -0.56 -28.63 -16.11
N LEU A 1198 0.12 -28.65 -14.97
CA LEU A 1198 -0.53 -28.75 -13.66
C LEU A 1198 -0.19 -27.53 -12.82
N PRO A 1199 -1.10 -26.58 -12.70
CA PRO A 1199 -0.85 -25.43 -11.80
C PRO A 1199 -0.94 -25.86 -10.35
N LYS A 1200 -0.66 -24.90 -9.47
CA LYS A 1200 -0.78 -25.13 -8.04
C LYS A 1200 -2.24 -25.41 -7.68
N TYR A 1201 -2.43 -26.26 -6.68
CA TYR A 1201 -3.72 -26.77 -6.22
C TYR A 1201 -4.45 -27.59 -7.27
N SER A 1202 -3.72 -28.22 -8.18
CA SER A 1202 -4.32 -29.26 -9.02
C SER A 1202 -4.75 -30.42 -8.15
N LEU A 1203 -5.98 -30.89 -8.36
CA LEU A 1203 -6.60 -31.85 -7.46
C LEU A 1203 -6.47 -33.26 -8.01
N PHE A 1204 -6.01 -34.18 -7.17
CA PHE A 1204 -5.91 -35.59 -7.50
C PHE A 1204 -6.75 -36.37 -6.52
N GLU A 1205 -7.36 -37.46 -6.97
CA GLU A 1205 -8.09 -38.35 -6.09
C GLU A 1205 -7.40 -39.71 -6.04
N LEU A 1206 -7.33 -40.27 -4.84
CA LEU A 1206 -6.65 -41.52 -4.57
C LEU A 1206 -7.63 -42.49 -3.95
N GLU A 1207 -7.14 -43.60 -3.38
CA GLU A 1207 -8.00 -44.60 -2.79
C GLU A 1207 -8.86 -44.02 -1.67
N ASN A 1208 -10.00 -44.67 -1.43
CA ASN A 1208 -10.93 -44.34 -0.35
C ASN A 1208 -11.47 -42.91 -0.42
N GLY A 1209 -11.43 -42.30 -1.60
CA GLY A 1209 -11.86 -40.91 -1.72
C GLY A 1209 -10.94 -39.93 -1.04
N ARG A 1210 -9.64 -40.18 -1.04
CA ARG A 1210 -8.67 -39.33 -0.37
C ARG A 1210 -8.03 -38.42 -1.40
N LYS A 1211 -8.24 -37.11 -1.25
CA LYS A 1211 -7.79 -36.15 -2.25
C LYS A 1211 -6.53 -35.43 -1.78
N ARG A 1212 -5.72 -35.00 -2.75
CA ARG A 1212 -4.49 -34.27 -2.49
C ARG A 1212 -4.38 -33.15 -3.50
N MET A 1213 -4.04 -31.95 -3.03
CA MET A 1213 -3.87 -30.80 -3.89
C MET A 1213 -2.39 -30.54 -4.12
N LEU A 1214 -2.01 -30.41 -5.38
CA LEU A 1214 -0.61 -30.28 -5.78
C LEU A 1214 -0.09 -28.90 -5.40
N ALA A 1215 0.66 -28.83 -4.31
CA ALA A 1215 1.29 -27.56 -3.92
C ALA A 1215 2.49 -27.24 -4.79
N SER A 1216 3.22 -28.27 -5.24
CA SER A 1216 4.36 -28.12 -6.14
C SER A 1216 4.70 -29.50 -6.69
N ALA A 1217 5.74 -29.52 -7.52
CA ALA A 1217 6.29 -30.77 -8.06
C ALA A 1217 6.86 -31.67 -6.95
N LYS A 1218 7.10 -31.11 -5.77
CA LYS A 1218 7.71 -31.83 -4.66
C LYS A 1218 6.87 -31.78 -3.38
N GLN A 1219 5.63 -31.29 -3.44
CA GLN A 1219 4.86 -31.07 -2.21
C GLN A 1219 3.37 -31.22 -2.52
N LEU A 1220 2.63 -31.81 -1.60
CA LEU A 1220 1.19 -31.92 -1.69
C LEU A 1220 0.51 -31.25 -0.50
N GLN A 1221 -0.81 -31.12 -0.61
CA GLN A 1221 -1.63 -30.52 0.44
C GLN A 1221 -2.84 -31.40 0.68
N LYS A 1222 -3.43 -31.28 1.86
CA LYS A 1222 -4.69 -31.97 2.13
C LYS A 1222 -5.81 -31.39 1.27
N GLY A 1223 -6.76 -32.24 0.91
CA GLY A 1223 -7.79 -31.83 -0.02
C GLY A 1223 -9.23 -32.13 0.37
N ASN A 1224 -9.44 -32.93 1.40
CA ASN A 1224 -10.78 -33.34 1.75
C ASN A 1224 -11.39 -32.43 2.81
N GLU A 1225 -12.70 -32.60 3.01
CA GLU A 1225 -13.50 -31.80 3.93
C GLU A 1225 -14.10 -32.74 4.97
N LEU A 1226 -13.89 -32.44 6.24
CA LEU A 1226 -14.54 -33.21 7.30
C LEU A 1226 -15.96 -32.68 7.46
N ALA A 1227 -16.92 -33.41 6.92
CA ALA A 1227 -18.33 -33.04 7.01
C ALA A 1227 -18.92 -33.48 8.35
N LEU A 1228 -18.48 -32.81 9.40
CA LEU A 1228 -18.95 -33.12 10.75
C LEU A 1228 -20.44 -32.78 10.87
N PRO A 1229 -21.26 -33.66 11.44
CA PRO A 1229 -22.71 -33.42 11.49
C PRO A 1229 -23.08 -32.19 12.32
N SER A 1230 -24.29 -31.69 12.06
CA SER A 1230 -24.76 -30.44 12.65
C SER A 1230 -24.86 -30.49 14.18
N LYS A 1231 -25.16 -31.67 14.73
CA LYS A 1231 -25.28 -31.78 16.19
C LYS A 1231 -23.95 -31.49 16.87
N TYR A 1232 -22.85 -31.97 16.30
CA TYR A 1232 -21.55 -31.78 16.92
C TYR A 1232 -21.06 -30.34 16.78
N VAL A 1233 -21.32 -29.69 15.64
CA VAL A 1233 -20.89 -28.30 15.51
C VAL A 1233 -21.73 -27.40 16.42
N ASN A 1234 -23.03 -27.72 16.57
CA ASN A 1234 -23.87 -26.98 17.52
C ASN A 1234 -23.35 -27.14 18.95
N PHE A 1235 -23.03 -28.38 19.32
CA PHE A 1235 -22.48 -28.64 20.65
C PHE A 1235 -21.16 -27.93 20.85
N LEU A 1236 -20.30 -27.89 19.82
CA LEU A 1236 -19.00 -27.26 19.97
C LEU A 1236 -19.12 -25.74 20.09
N TYR A 1237 -20.03 -25.12 19.34
CA TYR A 1237 -20.23 -23.68 19.52
C TYR A 1237 -20.79 -23.39 20.90
N LEU A 1238 -21.75 -24.19 21.35
CA LEU A 1238 -22.34 -23.96 22.66
C LEU A 1238 -21.35 -24.25 23.78
N ALA A 1239 -20.35 -25.08 23.51
CA ALA A 1239 -19.35 -25.44 24.51
C ALA A 1239 -18.22 -24.42 24.58
N SER A 1240 -17.55 -24.17 23.45
CA SER A 1240 -16.34 -23.34 23.43
C SER A 1240 -16.60 -21.90 23.81
N HIS A 1241 -17.82 -21.40 23.64
CA HIS A 1241 -18.22 -20.09 24.14
C HIS A 1241 -19.18 -20.35 25.29
N TYR A 1242 -18.61 -20.51 26.49
CA TYR A 1242 -19.36 -21.21 27.52
C TYR A 1242 -20.09 -20.22 28.43
N GLU A 1243 -19.43 -19.11 28.77
CA GLU A 1243 -20.06 -18.03 29.52
C GLU A 1243 -19.94 -16.67 28.85
N LYS A 1244 -19.18 -16.54 27.76
CA LYS A 1244 -19.11 -15.32 26.95
C LYS A 1244 -20.29 -15.19 25.98
N LEU A 1245 -21.20 -16.17 26.09
CA LEU A 1245 -22.40 -16.21 25.27
C LEU A 1245 -23.27 -14.98 25.53
N LYS A 1246 -23.37 -14.56 26.80
CA LYS A 1246 -24.00 -13.31 27.22
C LYS A 1246 -25.49 -13.23 26.87
N GLY A 1247 -26.17 -14.38 26.80
CA GLY A 1247 -27.60 -14.39 26.59
C GLY A 1247 -28.39 -14.03 27.84
N SER A 1248 -29.72 -14.04 27.69
CA SER A 1248 -30.61 -13.86 28.82
C SER A 1248 -30.42 -15.01 29.82
N PRO A 1249 -30.65 -14.76 31.14
CA PRO A 1249 -30.18 -15.71 32.18
C PRO A 1249 -30.68 -17.15 32.08
N GLU A 1250 -32.00 -17.36 32.05
CA GLU A 1250 -32.53 -18.71 32.02
C GLU A 1250 -32.18 -19.42 30.72
N ASP A 1251 -32.08 -18.67 29.62
CA ASP A 1251 -31.72 -19.29 28.33
C ASP A 1251 -30.27 -19.76 28.34
N ASN A 1252 -29.33 -18.90 28.76
CA ASN A 1252 -27.94 -19.33 28.84
C ASN A 1252 -27.75 -20.43 29.89
N GLU A 1253 -28.59 -20.45 30.93
CA GLU A 1253 -28.53 -21.55 31.89
C GLU A 1253 -29.00 -22.88 31.28
N GLN A 1254 -30.06 -22.87 30.46
CA GLN A 1254 -30.50 -24.15 29.92
C GLN A 1254 -29.52 -24.63 28.85
N LYS A 1255 -28.86 -23.70 28.16
CA LYS A 1255 -27.75 -24.07 27.27
C LYS A 1255 -26.57 -24.64 28.07
N GLN A 1256 -26.32 -24.09 29.28
CA GLN A 1256 -25.35 -24.64 30.23
C GLN A 1256 -25.65 -26.10 30.57
N LEU A 1257 -26.88 -26.40 31.00
CA LEU A 1257 -27.23 -27.80 31.28
C LEU A 1257 -27.24 -28.67 30.03
N PHE A 1258 -27.51 -28.10 28.85
CA PHE A 1258 -27.50 -28.92 27.64
C PHE A 1258 -26.09 -29.37 27.28
N VAL A 1259 -25.14 -28.43 27.28
CA VAL A 1259 -23.75 -28.81 27.00
C VAL A 1259 -23.22 -29.69 28.12
N GLU A 1260 -23.70 -29.52 29.35
CA GLU A 1260 -23.30 -30.43 30.43
C GLU A 1260 -23.84 -31.83 30.18
N GLN A 1261 -25.10 -31.94 29.75
CA GLN A 1261 -25.75 -33.23 29.60
C GLN A 1261 -25.23 -33.99 28.37
N HIS A 1262 -24.65 -33.31 27.39
CA HIS A 1262 -24.18 -34.03 26.22
C HIS A 1262 -22.67 -34.13 26.14
N LYS A 1263 -22.04 -34.51 27.26
CA LYS A 1263 -20.57 -34.60 27.34
C LYS A 1263 -20.00 -35.68 26.42
N HIS A 1264 -20.76 -36.74 26.12
CA HIS A 1264 -20.26 -37.83 25.29
C HIS A 1264 -19.97 -37.42 23.85
N TYR A 1265 -20.48 -36.25 23.44
CA TYR A 1265 -20.16 -35.70 22.12
C TYR A 1265 -18.67 -35.48 21.95
N LEU A 1266 -17.93 -35.26 23.04
CA LEU A 1266 -16.48 -35.13 22.94
C LEU A 1266 -15.84 -36.42 22.43
N ASP A 1267 -16.22 -37.57 23.02
CA ASP A 1267 -15.72 -38.85 22.53
C ASP A 1267 -16.21 -39.13 21.12
N GLU A 1268 -17.44 -38.72 20.80
CA GLU A 1268 -17.94 -38.93 19.44
C GLU A 1268 -17.16 -38.11 18.41
N ILE A 1269 -16.80 -36.88 18.76
CA ILE A 1269 -16.01 -36.04 17.85
C ILE A 1269 -14.58 -36.57 17.74
N ILE A 1270 -14.02 -37.10 18.83
CA ILE A 1270 -12.74 -37.80 18.75
C ILE A 1270 -12.83 -38.98 17.78
N GLU A 1271 -13.95 -39.71 17.83
CA GLU A 1271 -14.16 -40.82 16.91
C GLU A 1271 -14.22 -40.33 15.46
N GLN A 1272 -14.94 -39.22 15.23
CA GLN A 1272 -15.06 -38.65 13.89
C GLN A 1272 -13.70 -38.22 13.35
N ILE A 1273 -12.92 -37.49 14.15
CA ILE A 1273 -11.62 -37.01 13.69
C ILE A 1273 -10.66 -38.16 13.48
N SER A 1274 -10.67 -39.16 14.37
CA SER A 1274 -9.79 -40.31 14.21
C SER A 1274 -10.13 -41.11 12.97
N GLU A 1275 -11.43 -41.34 12.72
CA GLU A 1275 -11.85 -42.08 11.52
C GLU A 1275 -11.48 -41.33 10.25
N PHE A 1276 -11.80 -40.03 10.20
CA PHE A 1276 -11.49 -39.22 9.02
C PHE A 1276 -9.98 -39.13 8.80
N SER A 1277 -9.21 -39.02 9.87
CA SER A 1277 -7.77 -38.86 9.74
C SER A 1277 -7.06 -40.17 9.45
N LYS A 1278 -7.62 -41.31 9.85
CA LYS A 1278 -7.09 -42.59 9.42
C LYS A 1278 -7.50 -42.92 8.01
N ARG A 1279 -8.59 -42.33 7.50
CA ARG A 1279 -8.97 -42.58 6.11
C ARG A 1279 -8.27 -41.64 5.14
N VAL A 1280 -8.06 -40.37 5.50
CA VAL A 1280 -7.68 -39.36 4.52
C VAL A 1280 -6.39 -38.63 4.89
N ILE A 1281 -6.12 -38.46 6.18
CA ILE A 1281 -4.98 -37.63 6.56
C ILE A 1281 -3.69 -38.43 6.61
N LEU A 1282 -3.76 -39.67 7.11
CA LEU A 1282 -2.65 -40.63 7.09
C LEU A 1282 -1.43 -40.11 7.85
N ALA A 1283 -1.68 -39.59 9.05
CA ALA A 1283 -0.64 -39.13 9.95
C ALA A 1283 -0.81 -39.89 11.26
N ASP A 1284 -0.15 -41.04 11.36
CA ASP A 1284 -0.41 -41.97 12.46
C ASP A 1284 0.17 -41.45 13.77
N ALA A 1285 1.43 -41.00 13.75
CA ALA A 1285 2.09 -40.52 14.96
C ALA A 1285 1.39 -39.29 15.53
N ASN A 1286 1.02 -38.36 14.66
CA ASN A 1286 0.29 -37.18 15.14
C ASN A 1286 -1.08 -37.57 15.69
N LEU A 1287 -1.71 -38.59 15.09
CA LEU A 1287 -3.03 -39.01 15.52
C LEU A 1287 -3.00 -39.67 16.90
N ASP A 1288 -2.05 -40.57 17.14
CA ASP A 1288 -2.04 -41.20 18.46
C ASP A 1288 -1.44 -40.27 19.51
N LYS A 1289 -0.63 -39.28 19.11
CA LYS A 1289 -0.32 -38.16 19.99
C LYS A 1289 -1.60 -37.43 20.41
N VAL A 1290 -2.49 -37.18 19.44
CA VAL A 1290 -3.76 -36.51 19.72
C VAL A 1290 -4.60 -37.34 20.68
N LEU A 1291 -4.67 -38.66 20.43
CA LEU A 1291 -5.47 -39.54 21.27
C LEU A 1291 -4.92 -39.61 22.70
N SER A 1292 -3.60 -39.70 22.85
CA SER A 1292 -3.01 -39.77 24.18
C SER A 1292 -3.19 -38.45 24.93
N ALA A 1293 -3.01 -37.32 24.24
CA ALA A 1293 -3.20 -36.03 24.89
C ALA A 1293 -4.66 -35.80 25.27
N TYR A 1294 -5.59 -36.32 24.47
CA TYR A 1294 -7.00 -36.27 24.85
C TYR A 1294 -7.28 -37.13 26.08
N ASN A 1295 -6.69 -38.33 26.10
CA ASN A 1295 -6.93 -39.26 27.21
C ASN A 1295 -6.39 -38.71 28.52
N LYS A 1296 -5.22 -38.07 28.49
CA LYS A 1296 -4.63 -37.57 29.73
C LYS A 1296 -5.33 -36.33 30.27
N HIS A 1297 -6.20 -35.69 29.49
CA HIS A 1297 -6.96 -34.52 29.96
C HIS A 1297 -8.47 -34.74 29.98
N ARG A 1298 -8.95 -35.98 30.14
CA ARG A 1298 -10.38 -36.23 30.17
C ARG A 1298 -11.07 -35.62 31.40
N ASP A 1299 -10.33 -35.36 32.47
CA ASP A 1299 -10.94 -34.79 33.67
C ASP A 1299 -11.11 -33.27 33.59
N LYS A 1300 -10.55 -32.63 32.57
CA LYS A 1300 -10.60 -31.18 32.45
C LYS A 1300 -12.02 -30.68 32.20
N PRO A 1301 -12.31 -29.40 32.52
CA PRO A 1301 -13.67 -28.88 32.30
C PRO A 1301 -14.04 -28.80 30.83
N ILE A 1302 -15.36 -28.72 30.59
CA ILE A 1302 -15.93 -28.85 29.25
C ILE A 1302 -15.44 -27.73 28.34
N ARG A 1303 -15.34 -26.50 28.87
CA ARG A 1303 -14.92 -25.34 28.09
C ARG A 1303 -13.52 -25.54 27.49
N GLU A 1304 -12.55 -25.88 28.34
CA GLU A 1304 -11.17 -25.99 27.88
C GLU A 1304 -11.01 -27.17 26.93
N GLN A 1305 -11.64 -28.30 27.26
CA GLN A 1305 -11.64 -29.47 26.39
C GLN A 1305 -12.21 -29.14 25.02
N ALA A 1306 -13.34 -28.44 24.99
CA ALA A 1306 -13.96 -28.07 23.73
C ALA A 1306 -13.10 -27.08 22.94
N GLU A 1307 -12.46 -26.15 23.63
CA GLU A 1307 -11.58 -25.19 22.96
C GLU A 1307 -10.40 -25.89 22.31
N ASN A 1308 -9.81 -26.86 23.01
CA ASN A 1308 -8.75 -27.64 22.39
C ASN A 1308 -9.28 -28.57 21.30
N ILE A 1309 -10.54 -28.99 21.38
CA ILE A 1309 -11.15 -29.76 20.28
C ILE A 1309 -11.28 -28.89 19.03
N ILE A 1310 -11.67 -27.63 19.22
CA ILE A 1310 -11.70 -26.67 18.13
C ILE A 1310 -10.30 -26.48 17.54
N HIS A 1311 -9.29 -26.43 18.42
CA HIS A 1311 -7.90 -26.41 17.93
C HIS A 1311 -7.53 -27.68 17.18
N LEU A 1312 -8.16 -28.81 17.54
CA LEU A 1312 -7.79 -30.11 16.99
C LEU A 1312 -8.10 -30.23 15.50
N PHE A 1313 -9.02 -29.42 14.97
CA PHE A 1313 -9.40 -29.55 13.56
C PHE A 1313 -8.35 -29.02 12.60
N THR A 1314 -7.25 -28.45 13.09
CA THR A 1314 -6.14 -28.10 12.22
C THR A 1314 -5.46 -29.34 11.64
N LEU A 1315 -5.66 -30.50 12.26
CA LEU A 1315 -5.13 -31.75 11.71
C LEU A 1315 -5.82 -32.13 10.41
N THR A 1316 -7.14 -31.98 10.35
CA THR A 1316 -7.95 -32.44 9.23
C THR A 1316 -8.35 -31.34 8.27
N ARG A 1317 -7.85 -30.12 8.47
CA ARG A 1317 -8.23 -28.98 7.64
C ARG A 1317 -7.71 -29.16 6.22
N LEU A 1318 -8.47 -28.65 5.24
CA LEU A 1318 -7.96 -28.55 3.88
C LEU A 1318 -6.80 -27.56 3.82
N GLY A 1319 -5.85 -27.84 2.93
CA GLY A 1319 -4.74 -26.93 2.69
C GLY A 1319 -3.40 -27.45 3.17
N ALA A 1320 -2.51 -26.53 3.56
CA ALA A 1320 -1.21 -26.93 4.03
C ALA A 1320 -1.29 -27.52 5.43
N PRO A 1321 -0.46 -28.52 5.73
CA PRO A 1321 -0.36 -29.02 7.12
C PRO A 1321 0.25 -27.96 8.02
N ARG A 1322 -0.45 -27.66 9.12
CA ARG A 1322 -0.01 -26.65 10.06
C ARG A 1322 0.28 -27.28 11.41
N ALA A 1323 0.95 -26.51 12.27
CA ALA A 1323 1.28 -26.93 13.62
C ALA A 1323 0.28 -26.32 14.59
N PHE A 1324 -0.44 -27.17 15.29
CA PHE A 1324 -1.42 -26.75 16.28
C PHE A 1324 -0.97 -27.20 17.65
N LYS A 1325 -1.80 -26.96 18.66
CA LYS A 1325 -1.46 -27.39 20.01
C LYS A 1325 -2.74 -27.76 20.75
N TYR A 1326 -2.64 -28.83 21.54
CA TYR A 1326 -3.68 -29.26 22.48
C TYR A 1326 -3.47 -28.50 23.78
N PHE A 1327 -4.02 -29.02 24.90
CA PHE A 1327 -3.80 -28.43 26.22
C PHE A 1327 -2.33 -28.10 26.48
N ASP A 1328 -1.44 -29.06 26.33
CA ASP A 1328 -0.02 -28.82 26.61
C ASP A 1328 0.86 -29.03 25.39
N THR A 1329 0.68 -30.14 24.69
CA THR A 1329 1.60 -30.56 23.65
C THR A 1329 1.37 -29.75 22.36
N THR A 1330 2.47 -29.30 21.77
CA THR A 1330 2.44 -28.68 20.44
C THR A 1330 2.78 -29.74 19.42
N ILE A 1331 1.86 -29.99 18.51
CA ILE A 1331 1.94 -31.11 17.58
C ILE A 1331 2.44 -30.60 16.24
N ASP A 1332 3.65 -31.03 15.85
CA ASP A 1332 4.27 -30.61 14.60
C ASP A 1332 3.66 -31.38 13.42
N PRO A 1333 3.48 -30.75 12.28
CA PRO A 1333 2.70 -31.37 11.20
C PRO A 1333 3.43 -32.49 10.49
N LYS A 1334 2.64 -33.44 9.99
CA LYS A 1334 3.10 -34.42 9.02
C LYS A 1334 3.09 -33.80 7.63
N GLN A 1335 4.27 -33.51 7.10
CA GLN A 1335 4.38 -32.90 5.78
C GLN A 1335 4.26 -33.97 4.69
N TYR A 1336 3.44 -33.68 3.69
CA TYR A 1336 3.32 -34.53 2.50
C TYR A 1336 4.34 -34.04 1.50
N ARG A 1337 5.54 -34.65 1.56
CA ARG A 1337 6.73 -34.11 0.92
C ARG A 1337 7.18 -34.96 -0.27
N SER A 1338 6.29 -35.79 -0.82
CA SER A 1338 6.60 -36.57 -2.01
C SER A 1338 5.38 -36.63 -2.92
N THR A 1339 5.60 -36.43 -4.22
CA THR A 1339 4.55 -36.47 -5.21
C THR A 1339 4.62 -37.71 -6.10
N LYS A 1340 5.31 -38.75 -5.65
CA LYS A 1340 5.28 -40.03 -6.34
C LYS A 1340 3.88 -40.64 -6.32
N GLU A 1341 3.07 -40.25 -5.33
CA GLU A 1341 1.78 -40.88 -5.06
C GLU A 1341 0.73 -40.50 -6.09
N VAL A 1342 0.83 -39.31 -6.68
CA VAL A 1342 -0.24 -38.82 -7.54
C VAL A 1342 -0.06 -39.19 -9.01
N LEU A 1343 1.07 -39.78 -9.38
CA LEU A 1343 1.32 -40.15 -10.77
C LEU A 1343 0.48 -41.33 -11.23
N ASP A 1344 -0.23 -41.98 -10.30
CA ASP A 1344 -1.12 -43.09 -10.60
C ASP A 1344 -2.50 -42.84 -10.03
N ALA A 1345 -2.92 -41.59 -10.00
CA ALA A 1345 -4.18 -41.17 -9.40
C ALA A 1345 -5.12 -40.65 -10.49
N THR A 1346 -6.28 -40.19 -10.06
CA THR A 1346 -7.28 -39.62 -10.95
C THR A 1346 -7.20 -38.11 -10.84
N LEU A 1347 -6.65 -37.46 -11.86
CA LEU A 1347 -6.57 -36.01 -11.87
C LEU A 1347 -7.94 -35.43 -12.20
N ILE A 1348 -8.41 -34.51 -11.37
CA ILE A 1348 -9.74 -33.94 -11.50
C ILE A 1348 -9.60 -32.53 -12.05
N HIS A 1349 -10.32 -32.24 -13.12
CA HIS A 1349 -10.32 -30.91 -13.75
C HIS A 1349 -11.66 -30.28 -13.42
N GLN A 1350 -11.68 -29.50 -12.33
CA GLN A 1350 -12.90 -28.89 -11.85
C GLN A 1350 -13.11 -27.53 -12.50
N SER A 1351 -14.35 -27.26 -12.87
CA SER A 1351 -14.71 -25.93 -13.32
C SER A 1351 -14.90 -25.02 -12.10
N ILE A 1352 -15.22 -23.76 -12.36
CA ILE A 1352 -15.23 -22.76 -11.29
C ILE A 1352 -16.30 -23.05 -10.25
N THR A 1353 -17.47 -23.52 -10.67
CA THR A 1353 -18.44 -24.01 -9.69
C THR A 1353 -18.10 -25.41 -9.20
N GLY A 1354 -17.27 -26.16 -9.93
CA GLY A 1354 -16.95 -27.52 -9.59
C GLY A 1354 -17.98 -28.53 -10.00
N LEU A 1355 -19.07 -28.11 -10.64
CA LEU A 1355 -20.10 -29.05 -11.06
C LEU A 1355 -19.67 -29.79 -12.32
N TYR A 1356 -19.00 -29.11 -13.25
CA TYR A 1356 -18.49 -29.74 -14.46
C TYR A 1356 -17.08 -30.24 -14.22
N GLU A 1357 -16.87 -31.54 -14.36
CA GLU A 1357 -15.58 -32.16 -14.10
C GLU A 1357 -15.04 -32.83 -15.35
N THR A 1358 -13.75 -33.15 -15.30
CA THR A 1358 -13.10 -33.94 -16.35
C THR A 1358 -12.00 -34.75 -15.66
N ARG A 1359 -12.34 -35.99 -15.30
CA ARG A 1359 -11.40 -36.85 -14.61
C ARG A 1359 -10.47 -37.52 -15.61
N ILE A 1360 -9.18 -37.50 -15.30
CA ILE A 1360 -8.16 -38.15 -16.11
C ILE A 1360 -7.44 -39.15 -15.23
N ASP A 1361 -7.55 -40.43 -15.57
CA ASP A 1361 -6.87 -41.47 -14.82
C ASP A 1361 -5.44 -41.54 -15.35
N LEU A 1362 -4.48 -41.08 -14.54
CA LEU A 1362 -3.10 -40.93 -15.01
C LEU A 1362 -2.39 -42.26 -15.14
N SER A 1363 -2.91 -43.34 -14.55
CA SER A 1363 -2.24 -44.63 -14.60
C SER A 1363 -2.26 -45.26 -16.00
N GLN A 1364 -3.06 -44.73 -16.93
CA GLN A 1364 -3.17 -45.26 -18.27
C GLN A 1364 -2.27 -44.53 -19.26
N LEU A 1365 -1.30 -43.76 -18.76
CA LEU A 1365 -0.40 -42.97 -19.61
C LEU A 1365 1.02 -43.49 -19.47
N GLY A 1366 1.64 -43.82 -20.61
CA GLY A 1366 3.05 -44.18 -20.66
C GLY A 1366 3.48 -45.38 -19.85
#